data_6D5G
#
_entry.id   6D5G
#
_cell.length_a   183.050
_cell.length_b   183.050
_cell.length_c   178.784
_cell.angle_alpha   90.00
_cell.angle_beta   90.00
_cell.angle_gamma   90.00
#
_symmetry.space_group_name_H-M   'I 4 2 2'
#
loop_
_entity.id
_entity.type
_entity.pdbx_description
1 polymer 'GTPase HRas'
2 polymer 'Son of sevenless homolog 1'
3 polymer 'GTPase HRas'
4 non-polymer 'PHOSPHOAMINOPHOSPHONIC ACID-GUANYLATE ESTER'
5 non-polymer 'MAGNESIUM ION'
6 non-polymer 'FORMIC ACID'
7 non-polymer 'CHLORIDE ION'
8 non-polymer 6-chloro-1-[(4-fluoro-3,5-dimethylphenyl)methyl]-2-(piperazin-1-yl)-4-(1,2,3,6-tetrahydropyridin-4-yl)-1H-benzimidazole
9 non-polymer GLYCEROL
10 non-polymer BETA-MERCAPTOETHANOL
11 water water
#
loop_
_entity_poly.entity_id
_entity_poly.type
_entity_poly.pdbx_seq_one_letter_code
_entity_poly.pdbx_strand_id
1 'polypeptide(L)'
;GMTEYKLVVVGAGGVGKSALTIQLIQNHFVDEYDPTIEDSYRKQVVIDGET(CSO)LLDILDTAGQEEASAMRDQYMRTG
EGFLCVFAINNTKSFEDIHQYREQIKRVKDSDDVPMVLVGNKCDLAARTVESRQAQDLARSYGIPYIETSAKTRQGVEDA
FYTLVREIRQH
;
A
2 'polypeptide(L)'
;GQMRLPSADVYRFAEPDSEENIIFEENMQPKAGIPIIKAGTVIKLIERLTYHMYADPNFVRTFLTTYRSFCKPQELLSLI
IERFEIPEPEPTEADRIAIENGDQPLSAELKRFRKEYIQPVQLRVLNVCRHWVEHHFYDFERDAYLLQRMEEFIGTVRGK
AMKKWVESITKIIQRKKIARDNGPGHNITFQSSPPTVEWHISRPGHIETFDLLTLHPIEIARQLTLLESDLYRAVQPSEL
VGSVWTKEDKEINSPNLLKMIRHTTNLTLWFEKCIVETENLEERVAVVSRIIEILQVFQELNNFNGVLEVVSAMNSSPVY
RLDHTFEQIPSRQKKILEEAHELSEDHYKKYLAKLRSINPPCVPFFGIYLTNILKTEEGNPEVLKRHGKELINFSKRRKV
AEITGEIQQYQNQPYCLRVESDIKRFFENLNPMGNSMEKEFTDYLFNKSLEIEPRNPKPLPRFPKKYSYPLKSPGVRPSN
PR
;
B
3 'polypeptide(L)'
;GMTEYKLVVVGAGGVGKSALTIQLIQNHFVDEYDPTIEDSYRKQVVIDGETCLLDILDTAGQEEYSAMRDQYMRTGEGFL
CVFAINNTKSFEDIHQYREQIKRVKDSDDVPMVLVGNKCDLAARTVESRQAQDLARSYGIPYIETSAKTRQGVEDAFYTL
VREIRQH
;
C
#
# COMPACT_ATOMS: atom_id res chain seq x y z
N MET A 2 -10.09 -3.96 14.55
CA MET A 2 -9.29 -2.74 14.67
C MET A 2 -10.17 -1.51 14.80
N THR A 3 -10.13 -0.88 15.98
CA THR A 3 -10.78 0.40 16.16
C THR A 3 -9.93 1.51 15.57
N GLU A 4 -10.58 2.49 14.97
CA GLU A 4 -9.92 3.65 14.40
C GLU A 4 -10.09 4.84 15.35
N TYR A 5 -9.01 5.60 15.56
CA TYR A 5 -9.02 6.77 16.45
C TYR A 5 -8.58 8.00 15.68
N LYS A 6 -9.39 9.06 15.74
CA LYS A 6 -9.05 10.31 15.06
C LYS A 6 -8.40 11.25 16.06
N LEU A 7 -7.08 11.41 15.96
CA LEU A 7 -6.33 12.30 16.84
C LEU A 7 -6.00 13.57 16.08
N VAL A 8 -6.01 14.70 16.79
CA VAL A 8 -5.68 15.99 16.21
C VAL A 8 -4.60 16.65 17.07
N VAL A 9 -3.57 17.19 16.42
CA VAL A 9 -2.48 17.85 17.12
C VAL A 9 -2.62 19.35 16.91
N VAL A 10 -2.75 20.10 18.01
CA VAL A 10 -2.99 21.54 17.93
C VAL A 10 -2.01 22.29 18.83
N GLY A 11 -1.87 23.59 18.56
CA GLY A 11 -0.97 24.44 19.31
C GLY A 11 -0.35 25.50 18.43
N ALA A 12 0.31 26.45 19.09
CA ALA A 12 0.93 27.61 18.44
C ALA A 12 1.94 27.18 17.38
N GLY A 13 2.21 28.10 16.45
CA GLY A 13 3.19 27.85 15.41
C GLY A 13 4.57 27.59 15.97
N GLY A 14 5.25 26.57 15.45
CA GLY A 14 6.63 26.30 15.79
C GLY A 14 6.86 25.54 17.07
N VAL A 15 5.82 25.06 17.75
CA VAL A 15 6.02 24.35 19.01
C VAL A 15 6.48 22.91 18.80
N GLY A 16 6.34 22.38 17.59
CA GLY A 16 6.81 21.03 17.29
C GLY A 16 5.72 20.01 17.00
N LYS A 17 4.52 20.45 16.59
CA LYS A 17 3.44 19.52 16.31
C LYS A 17 3.84 18.54 15.21
N SER A 18 4.42 19.07 14.14
CA SER A 18 4.81 18.22 13.02
C SER A 18 5.99 17.34 13.38
N ALA A 19 7.00 17.89 14.06
CA ALA A 19 8.13 17.06 14.46
C ALA A 19 7.69 15.91 15.37
N LEU A 20 6.80 16.21 16.33
CA LEU A 20 6.25 15.14 17.17
C LEU A 20 5.59 14.06 16.33
N THR A 21 4.74 14.47 15.39
CA THR A 21 3.97 13.51 14.60
C THR A 21 4.89 12.66 13.74
N ILE A 22 5.85 13.30 13.05
CA ILE A 22 6.75 12.56 12.17
C ILE A 22 7.68 11.64 12.98
N GLN A 23 8.08 12.06 14.17
CA GLN A 23 8.84 11.18 15.05
C GLN A 23 8.04 9.94 15.39
N LEU A 24 6.76 10.11 15.73
CA LEU A 24 5.90 8.96 15.99
C LEU A 24 5.75 8.07 14.75
N ILE A 25 5.53 8.67 13.59
CA ILE A 25 5.18 7.90 12.40
C ILE A 25 6.41 7.23 11.79
N GLN A 26 7.52 7.96 11.70
CA GLN A 26 8.69 7.56 10.94
C GLN A 26 9.95 7.36 11.77
N ASN A 27 9.93 7.67 13.08
CA ASN A 27 11.13 7.57 13.92
C ASN A 27 12.24 8.48 13.41
N HIS A 28 11.86 9.65 12.91
CA HIS A 28 12.79 10.59 12.31
C HIS A 28 12.48 11.99 12.84
N PHE A 29 13.52 12.75 13.17
CA PHE A 29 13.37 14.12 13.64
C PHE A 29 13.56 15.11 12.50
N VAL A 30 12.57 15.97 12.28
CA VAL A 30 12.62 16.99 11.24
C VAL A 30 13.25 18.25 11.81
N ASP A 31 14.39 18.66 11.25
N ASP A 31 14.39 18.66 11.25
CA ASP A 31 15.07 19.86 11.73
CA ASP A 31 15.08 19.85 11.72
C ASP A 31 14.51 21.13 11.11
C ASP A 31 14.49 21.12 11.11
N GLU A 32 13.96 21.03 9.90
CA GLU A 32 13.39 22.20 9.25
C GLU A 32 12.10 22.63 9.92
N TYR A 33 11.78 23.91 9.75
CA TYR A 33 10.54 24.52 10.21
C TYR A 33 9.77 24.90 8.95
N ASP A 34 8.95 23.97 8.46
CA ASP A 34 8.04 24.16 7.34
C ASP A 34 6.62 24.30 7.87
N PRO A 35 6.07 25.49 7.95
CA PRO A 35 4.74 25.68 8.54
C PRO A 35 3.68 24.83 7.84
N THR A 36 2.94 24.10 8.64
CA THR A 36 1.90 23.22 8.15
C THR A 36 0.65 23.99 7.76
N ILE A 37 -0.06 23.47 6.77
CA ILE A 37 -1.43 23.92 6.49
C ILE A 37 -2.38 22.88 7.07
N GLU A 38 -2.35 21.66 6.54
CA GLU A 38 -2.98 20.52 7.21
C GLU A 38 -2.44 19.24 6.59
N ASP A 39 -1.93 18.36 7.45
CA ASP A 39 -1.38 17.08 7.04
C ASP A 39 -2.10 15.97 7.81
N SER A 40 -2.11 14.78 7.22
N SER A 40 -2.15 14.78 7.22
CA SER A 40 -2.76 13.61 7.78
CA SER A 40 -2.75 13.65 7.92
C SER A 40 -1.81 12.43 7.73
C SER A 40 -1.89 12.40 7.72
N TYR A 41 -1.84 11.59 8.77
CA TYR A 41 -0.99 10.40 8.84
C TYR A 41 -1.82 9.24 9.38
N ARG A 42 -1.41 8.02 9.06
CA ARG A 42 -2.03 6.83 9.67
C ARG A 42 -0.96 5.93 10.26
N LYS A 43 -1.32 5.27 11.36
CA LYS A 43 -0.40 4.39 12.07
C LYS A 43 -1.18 3.25 12.71
N GLN A 44 -0.89 2.03 12.29
CA GLN A 44 -1.38 0.84 12.98
C GLN A 44 -0.44 0.50 14.13
N VAL A 45 -1.00 0.31 15.33
CA VAL A 45 -0.16 0.08 16.49
C VAL A 45 -0.98 -0.65 17.55
N VAL A 46 -0.30 -1.53 18.29
CA VAL A 46 -0.95 -2.24 19.39
C VAL A 46 -0.75 -1.44 20.66
N ILE A 47 -1.84 -1.06 21.29
CA ILE A 47 -1.81 -0.28 22.53
C ILE A 47 -2.59 -1.06 23.59
N ASP A 48 -1.94 -1.32 24.73
CA ASP A 48 -2.54 -2.12 25.80
C ASP A 48 -3.14 -3.40 25.25
N GLY A 49 -2.40 -4.07 24.36
CA GLY A 49 -2.80 -5.33 23.79
C GLY A 49 -3.87 -5.29 22.73
N GLU A 50 -4.33 -4.11 22.32
CA GLU A 50 -5.39 -3.99 21.34
C GLU A 50 -4.85 -3.25 20.12
N THR A 51 -4.99 -3.87 18.96
CA THR A 51 -4.52 -3.23 17.75
C THR A 51 -5.46 -2.11 17.36
N LEU A 53 -5.91 1.67 14.73
CA LEU A 53 -5.48 2.47 13.61
C LEU A 53 -5.62 3.92 13.99
N LEU A 54 -4.50 4.63 14.11
CA LEU A 54 -4.54 6.04 14.46
C LEU A 54 -4.58 6.86 13.18
N ASP A 55 -5.56 7.74 13.07
CA ASP A 55 -5.58 8.80 12.07
C ASP A 55 -5.15 10.08 12.75
N ILE A 56 -4.03 10.65 12.34
CA ILE A 56 -3.48 11.80 13.04
C ILE A 56 -3.53 13.00 12.12
N LEU A 57 -4.26 14.03 12.55
CA LEU A 57 -4.34 15.29 11.83
C LEU A 57 -3.35 16.26 12.42
N ASP A 58 -2.45 16.75 11.58
CA ASP A 58 -1.42 17.69 11.98
C ASP A 58 -1.84 19.07 11.46
N THR A 59 -2.09 20.01 12.38
CA THR A 59 -2.78 21.25 12.01
C THR A 59 -1.82 22.44 11.95
N ALA A 60 -2.35 23.58 11.49
CA ALA A 60 -1.57 24.80 11.33
C ALA A 60 -1.56 25.59 12.63
N GLY A 61 -0.37 25.96 13.07
CA GLY A 61 -0.24 26.83 14.21
C GLY A 61 -0.15 28.31 13.86
N GLN A 62 0.17 28.66 12.61
CA GLN A 62 0.37 30.07 12.28
C GLN A 62 -0.96 30.81 12.41
N GLU A 63 -0.91 32.05 12.93
CA GLU A 63 -2.14 32.77 13.22
C GLU A 63 -2.94 33.05 11.95
N GLU A 64 -2.28 33.13 10.79
CA GLU A 64 -2.98 33.39 9.55
C GLU A 64 -3.99 32.30 9.20
N ALA A 65 -3.88 31.13 9.84
CA ALA A 65 -4.82 30.04 9.60
C ALA A 65 -5.89 29.94 10.70
N SER A 66 -5.95 30.93 11.61
CA SER A 66 -6.75 30.77 12.82
C SER A 66 -8.25 30.71 12.57
N ALA A 67 -8.72 31.10 11.39
CA ALA A 67 -10.14 31.08 11.10
C ALA A 67 -10.61 29.76 10.49
N MET A 68 -9.73 28.76 10.39
CA MET A 68 -10.04 27.54 9.67
C MET A 68 -10.06 26.30 10.56
N ARG A 69 -10.30 26.48 11.86
CA ARG A 69 -10.13 25.39 12.82
C ARG A 69 -11.40 24.60 13.10
N ASP A 70 -12.58 25.25 13.04
CA ASP A 70 -13.80 24.52 13.37
C ASP A 70 -13.89 23.21 12.59
N GLN A 71 -13.50 23.24 11.31
CA GLN A 71 -13.70 22.07 10.46
C GLN A 71 -12.92 20.87 10.96
N TYR A 72 -11.68 21.05 11.41
CA TYR A 72 -10.96 19.87 11.93
C TYR A 72 -11.35 19.54 13.36
N MET A 73 -11.79 20.51 14.14
CA MET A 73 -12.19 20.20 15.51
C MET A 73 -13.48 19.39 15.54
N ARG A 74 -14.32 19.56 14.53
CA ARG A 74 -15.54 18.74 14.44
C ARG A 74 -15.20 17.27 14.28
N THR A 75 -14.19 16.95 13.47
CA THR A 75 -13.90 15.56 13.15
C THR A 75 -13.10 14.86 14.23
N GLY A 76 -12.29 15.60 14.99
CA GLY A 76 -11.36 14.97 15.90
C GLY A 76 -12.07 14.32 17.08
N GLU A 77 -11.56 13.16 17.48
N GLU A 77 -11.55 13.16 17.50
CA GLU A 77 -12.03 12.50 18.70
CA GLU A 77 -12.04 12.50 18.71
C GLU A 77 -11.23 12.91 19.93
C GLU A 77 -11.21 12.84 19.94
N GLY A 78 -9.94 13.16 19.77
CA GLY A 78 -9.10 13.57 20.88
C GLY A 78 -8.02 14.52 20.39
N PHE A 79 -7.51 15.35 21.29
CA PHE A 79 -6.63 16.46 20.91
C PHE A 79 -5.37 16.45 21.75
N LEU A 80 -4.22 16.50 21.09
CA LEU A 80 -2.96 16.79 21.74
C LEU A 80 -2.76 18.30 21.69
N CYS A 81 -2.76 18.94 22.85
CA CYS A 81 -2.61 20.39 22.95
C CYS A 81 -1.15 20.65 23.30
N VAL A 82 -0.39 21.12 22.32
CA VAL A 82 1.06 21.19 22.39
C VAL A 82 1.50 22.63 22.59
N PHE A 83 2.42 22.84 23.53
CA PHE A 83 3.17 24.07 23.63
C PHE A 83 4.64 23.70 23.75
N ALA A 84 5.53 24.68 23.71
CA ALA A 84 6.95 24.44 23.85
C ALA A 84 7.41 25.01 25.17
N ILE A 85 8.19 24.22 25.93
CA ILE A 85 8.53 24.63 27.29
C ILE A 85 9.54 25.77 27.32
N ASN A 86 10.04 26.20 26.16
CA ASN A 86 10.88 27.39 26.07
C ASN A 86 10.16 28.55 25.38
N ASN A 87 8.82 28.53 25.34
CA ASN A 87 8.04 29.57 24.68
C ASN A 87 6.80 29.85 25.53
N THR A 88 6.88 30.88 26.37
N THR A 88 6.87 30.87 26.38
CA THR A 88 5.77 31.19 27.28
CA THR A 88 5.75 31.15 27.29
C THR A 88 4.51 31.57 26.54
C THR A 88 4.50 31.56 26.53
N LYS A 89 4.64 32.26 25.39
CA LYS A 89 3.45 32.64 24.65
C LYS A 89 2.70 31.42 24.14
N SER A 90 3.42 30.38 23.71
CA SER A 90 2.74 29.16 23.25
C SER A 90 1.96 28.51 24.39
N PHE A 91 2.49 28.58 25.62
CA PHE A 91 1.72 28.11 26.77
C PHE A 91 0.47 28.93 26.99
N GLU A 92 0.58 30.26 26.90
CA GLU A 92 -0.61 31.09 27.03
C GLU A 92 -1.62 30.84 25.92
N ASP A 93 -1.17 30.44 24.73
CA ASP A 93 -2.11 30.12 23.66
C ASP A 93 -2.92 28.86 23.90
N ILE A 94 -2.50 28.00 24.83
CA ILE A 94 -3.18 26.73 25.05
C ILE A 94 -4.65 26.92 25.38
N HIS A 95 -4.95 27.87 26.26
CA HIS A 95 -6.33 27.97 26.69
C HIS A 95 -7.27 28.38 25.55
N GLN A 96 -6.79 29.13 24.56
N GLN A 96 -6.76 29.10 24.56
CA GLN A 96 -7.62 29.43 23.40
CA GLN A 96 -7.60 29.44 23.40
C GLN A 96 -8.03 28.16 22.68
C GLN A 96 -7.99 28.21 22.61
N TYR A 97 -7.06 27.27 22.43
CA TYR A 97 -7.38 26.00 21.78
C TYR A 97 -8.35 25.19 22.62
N ARG A 98 -8.10 25.10 23.93
CA ARG A 98 -8.97 24.33 24.80
C ARG A 98 -10.40 24.85 24.73
N GLU A 99 -10.57 26.16 24.79
CA GLU A 99 -11.91 26.72 24.78
C GLU A 99 -12.59 26.55 23.43
N GLN A 100 -11.84 26.72 22.34
CA GLN A 100 -12.44 26.55 21.02
C GLN A 100 -12.89 25.10 20.80
N ILE A 101 -12.07 24.14 21.22
CA ILE A 101 -12.45 22.74 21.07
C ILE A 101 -13.75 22.46 21.83
N LYS A 102 -13.81 22.92 23.07
CA LYS A 102 -15.02 22.72 23.88
C LYS A 102 -16.24 23.34 23.23
N ARG A 103 -16.09 24.54 22.68
CA ARG A 103 -17.21 25.17 21.99
C ARG A 103 -17.65 24.35 20.79
N VAL A 104 -16.71 24.02 19.89
CA VAL A 104 -17.06 23.36 18.64
C VAL A 104 -17.73 22.02 18.91
N LYS A 105 -17.18 21.25 19.82
CA LYS A 105 -17.73 19.95 20.12
C LYS A 105 -18.86 20.02 21.14
N ASP A 106 -19.18 21.22 21.62
CA ASP A 106 -20.29 21.44 22.56
C ASP A 106 -20.19 20.46 23.72
N SER A 107 -19.00 20.40 24.32
CA SER A 107 -18.74 19.41 25.35
C SER A 107 -17.67 19.93 26.29
N ASP A 108 -17.87 19.64 27.58
CA ASP A 108 -16.91 19.93 28.64
C ASP A 108 -15.94 18.77 28.85
N ASP A 109 -16.11 17.67 28.12
CA ASP A 109 -15.45 16.39 28.41
C ASP A 109 -14.79 15.81 27.15
N VAL A 110 -13.98 16.59 26.47
CA VAL A 110 -13.33 16.15 25.23
C VAL A 110 -12.01 15.49 25.60
N PRO A 111 -11.69 14.30 25.08
CA PRO A 111 -10.38 13.69 25.35
C PRO A 111 -9.25 14.61 24.89
N MET A 112 -8.32 14.91 25.80
N MET A 112 -8.32 14.88 25.80
CA MET A 112 -7.19 15.75 25.49
CA MET A 112 -7.20 15.78 25.51
C MET A 112 -6.00 15.36 26.34
C MET A 112 -6.00 15.39 26.35
N VAL A 113 -4.81 15.71 25.85
CA VAL A 113 -3.57 15.61 26.60
C VAL A 113 -2.82 16.92 26.43
N LEU A 114 -2.29 17.47 27.52
CA LEU A 114 -1.44 18.65 27.46
C LEU A 114 0.01 18.20 27.25
N VAL A 115 0.68 18.76 26.25
CA VAL A 115 2.02 18.32 25.88
C VAL A 115 2.98 19.49 25.95
N GLY A 116 4.03 19.35 26.75
CA GLY A 116 5.09 20.34 26.81
C GLY A 116 6.28 19.85 26.02
N ASN A 117 6.46 20.37 24.81
CA ASN A 117 7.45 19.81 23.88
C ASN A 117 8.78 20.56 23.98
N LYS A 118 9.80 19.97 23.36
CA LYS A 118 11.17 20.46 23.34
C LYS A 118 11.86 20.30 24.69
N CYS A 119 11.52 19.22 25.42
CA CYS A 119 12.10 19.07 26.75
C CYS A 119 13.57 18.68 26.71
N ASP A 120 14.15 18.50 25.52
CA ASP A 120 15.58 18.30 25.37
C ASP A 120 16.38 19.57 25.57
N LEU A 121 15.73 20.73 25.50
CA LEU A 121 16.41 22.01 25.59
C LEU A 121 16.54 22.41 27.05
N ALA A 122 17.74 22.87 27.43
CA ALA A 122 17.99 23.24 28.83
C ALA A 122 17.26 24.53 29.21
N ALA A 123 17.14 25.48 28.27
CA ALA A 123 16.64 26.82 28.57
C ALA A 123 15.12 26.84 28.63
N ARG A 124 14.59 26.25 29.69
CA ARG A 124 13.16 26.22 29.92
C ARG A 124 12.63 27.56 30.41
N THR A 125 11.44 27.96 29.94
CA THR A 125 10.77 29.15 30.46
C THR A 125 9.39 28.88 31.04
N VAL A 126 8.81 27.70 30.82
CA VAL A 126 7.55 27.30 31.42
C VAL A 126 7.85 26.17 32.38
N GLU A 127 7.57 26.36 33.65
CA GLU A 127 7.88 25.34 34.64
C GLU A 127 6.86 24.21 34.58
N SER A 128 7.32 22.99 34.87
CA SER A 128 6.44 21.82 34.85
C SER A 128 5.24 22.03 35.75
N ARG A 129 5.46 22.64 36.91
CA ARG A 129 4.37 22.82 37.88
C ARG A 129 3.27 23.71 37.33
N GLN A 130 3.63 24.79 36.65
CA GLN A 130 2.64 25.65 36.03
C GLN A 130 1.80 24.89 35.01
N ALA A 131 2.45 24.11 34.15
CA ALA A 131 1.70 23.32 33.17
C ALA A 131 0.85 22.25 33.86
N GLN A 132 1.41 21.59 34.87
CA GLN A 132 0.66 20.55 35.56
C GLN A 132 -0.58 21.12 36.23
N ASP A 133 -0.45 22.29 36.86
CA ASP A 133 -1.62 22.96 37.45
C ASP A 133 -2.71 23.16 36.40
N LEU A 134 -2.33 23.62 35.21
CA LEU A 134 -3.32 23.86 34.17
C LEU A 134 -4.00 22.56 33.75
N ALA A 135 -3.19 21.52 33.53
CA ALA A 135 -3.74 20.21 33.16
C ALA A 135 -4.75 19.73 34.20
N ARG A 136 -4.40 19.82 35.48
CA ARG A 136 -5.33 19.39 36.53
C ARG A 136 -6.63 20.18 36.44
N SER A 137 -6.53 21.49 36.16
CA SER A 137 -7.74 22.31 36.03
C SER A 137 -8.59 21.84 34.85
N TYR A 138 -7.98 21.21 33.86
CA TYR A 138 -8.70 20.65 32.72
C TYR A 138 -9.11 19.21 32.92
N GLY A 139 -8.60 18.55 33.96
CA GLY A 139 -8.87 17.14 34.15
C GLY A 139 -8.10 16.21 33.23
N ILE A 140 -6.92 16.61 32.77
CA ILE A 140 -6.19 15.85 31.74
C ILE A 140 -4.74 15.67 32.17
N PRO A 141 -4.06 14.67 31.60
CA PRO A 141 -2.65 14.46 31.94
C PRO A 141 -1.76 15.46 31.24
N TYR A 142 -0.56 15.62 31.80
CA TYR A 142 0.47 16.46 31.22
C TYR A 142 1.70 15.62 30.97
N ILE A 143 2.20 15.65 29.75
CA ILE A 143 3.35 14.84 29.35
C ILE A 143 4.35 15.76 28.66
N GLU A 144 5.60 15.75 29.15
CA GLU A 144 6.65 16.48 28.48
C GLU A 144 7.34 15.59 27.46
N THR A 145 7.67 16.17 26.31
CA THR A 145 8.13 15.40 25.16
C THR A 145 9.33 16.07 24.53
N SER A 146 10.08 15.28 23.76
CA SER A 146 11.05 15.79 22.81
C SER A 146 10.89 15.05 21.49
N ALA A 147 10.47 15.77 20.45
CA ALA A 147 10.46 15.18 19.13
C ALA A 147 11.87 14.86 18.65
N LYS A 148 12.88 15.50 19.23
CA LYS A 148 14.26 15.27 18.84
C LYS A 148 14.79 13.95 19.42
N THR A 149 14.58 13.70 20.70
CA THR A 149 15.13 12.51 21.33
C THR A 149 14.15 11.35 21.43
N ARG A 150 12.86 11.56 21.17
CA ARG A 150 11.72 10.65 21.33
C ARG A 150 11.20 10.60 22.75
N GLN A 151 11.85 11.23 23.73
CA GLN A 151 11.34 11.21 25.10
C GLN A 151 9.87 11.59 25.12
N GLY A 152 9.06 10.72 25.73
CA GLY A 152 7.65 10.99 25.96
C GLY A 152 6.73 10.92 24.75
N VAL A 153 7.26 10.73 23.54
CA VAL A 153 6.42 10.88 22.34
C VAL A 153 5.34 9.79 22.29
N GLU A 154 5.74 8.53 22.45
CA GLU A 154 4.73 7.47 22.46
C GLU A 154 3.77 7.66 23.62
N ASP A 155 4.29 8.03 24.79
CA ASP A 155 3.43 8.22 25.95
C ASP A 155 2.35 9.27 25.68
N ALA A 156 2.72 10.37 25.01
CA ALA A 156 1.74 11.43 24.74
C ALA A 156 0.63 10.93 23.82
N PHE A 157 0.98 10.34 22.68
CA PHE A 157 -0.03 9.91 21.73
C PHE A 157 -0.85 8.75 22.30
N TYR A 158 -0.19 7.78 22.93
CA TYR A 158 -0.93 6.60 23.36
C TYR A 158 -1.77 6.91 24.60
N THR A 159 -1.34 7.86 25.44
CA THR A 159 -2.22 8.31 26.51
C THR A 159 -3.49 8.91 25.94
N LEU A 160 -3.39 9.67 24.85
CA LEU A 160 -4.59 10.24 24.24
C LEU A 160 -5.51 9.14 23.74
N VAL A 161 -4.94 8.09 23.13
CA VAL A 161 -5.76 6.95 22.71
C VAL A 161 -6.51 6.36 23.90
N ARG A 162 -5.83 6.19 25.02
CA ARG A 162 -6.49 5.64 26.21
C ARG A 162 -7.64 6.53 26.66
N GLU A 163 -7.51 7.84 26.53
N GLU A 163 -7.47 7.85 26.56
CA GLU A 163 -8.58 8.71 26.98
CA GLU A 163 -8.53 8.80 26.93
C GLU A 163 -9.77 8.70 26.04
C GLU A 163 -9.75 8.62 26.06
N ILE A 164 -9.54 8.48 24.75
CA ILE A 164 -10.64 8.25 23.82
C ILE A 164 -11.30 6.92 24.12
N ARG A 165 -10.48 5.89 24.35
CA ARG A 165 -11.02 4.56 24.66
C ARG A 165 -11.87 4.59 25.92
N GLN A 166 -11.48 5.37 26.91
CA GLN A 166 -12.21 5.43 28.18
C GLN A 166 -13.37 6.41 28.16
N HIS A 167 -13.50 7.21 27.11
CA HIS A 167 -14.53 8.23 27.03
C HIS A 167 -15.93 7.62 26.92
N GLY B 1 -27.10 34.62 5.95
CA GLY B 1 -27.11 33.87 4.71
C GLY B 1 -25.72 33.46 4.28
N GLN B 2 -25.64 32.59 3.28
CA GLN B 2 -24.35 32.22 2.75
C GLN B 2 -23.69 33.42 2.08
N MET B 3 -22.38 33.35 1.93
CA MET B 3 -21.68 34.36 1.18
C MET B 3 -22.10 34.27 -0.28
N ARG B 4 -22.25 35.44 -0.90
CA ARG B 4 -22.35 35.46 -2.34
C ARG B 4 -21.00 35.13 -2.97
N LEU B 5 -21.05 34.66 -4.21
CA LEU B 5 -19.90 34.16 -4.94
C LEU B 5 -19.67 35.01 -6.19
N PRO B 6 -18.48 34.96 -6.77
CA PRO B 6 -18.28 35.60 -8.07
C PRO B 6 -19.21 34.98 -9.09
N SER B 7 -19.52 35.75 -10.13
CA SER B 7 -20.26 35.22 -11.26
C SER B 7 -19.55 34.02 -11.85
N ALA B 8 -20.31 32.96 -12.13
CA ALA B 8 -19.72 31.77 -12.73
C ALA B 8 -19.11 32.04 -14.10
N ASP B 9 -19.45 33.18 -14.71
CA ASP B 9 -18.85 33.59 -15.98
C ASP B 9 -17.44 34.10 -15.84
N VAL B 10 -17.08 34.71 -14.71
CA VAL B 10 -15.72 35.15 -14.49
C VAL B 10 -14.91 34.19 -13.62
N TYR B 11 -15.56 33.30 -12.89
CA TYR B 11 -14.86 32.34 -12.01
C TYR B 11 -15.61 31.01 -12.11
N ARG B 12 -15.02 30.05 -12.81
CA ARG B 12 -15.72 28.81 -13.15
C ARG B 12 -16.08 27.97 -11.93
N PHE B 13 -15.37 28.14 -10.81
CA PHE B 13 -15.58 27.29 -9.65
C PHE B 13 -16.76 27.73 -8.77
N ALA B 14 -17.54 28.71 -9.23
CA ALA B 14 -18.75 29.13 -8.53
C ALA B 14 -20.02 28.58 -9.17
N GLU B 15 -19.91 27.71 -10.16
CA GLU B 15 -21.12 27.11 -10.71
C GLU B 15 -21.80 26.28 -9.64
N PRO B 16 -23.13 26.29 -9.56
CA PRO B 16 -23.82 25.50 -8.55
C PRO B 16 -23.61 24.01 -8.77
N ASP B 17 -23.51 23.27 -7.67
CA ASP B 17 -23.55 21.82 -7.73
C ASP B 17 -24.83 21.36 -8.40
N SER B 18 -24.70 20.38 -9.29
CA SER B 18 -25.87 19.67 -9.82
C SER B 18 -25.44 18.27 -10.21
N GLU B 19 -26.42 17.40 -10.45
CA GLU B 19 -26.09 16.05 -10.90
C GLU B 19 -25.46 16.03 -12.29
N GLU B 20 -25.49 17.14 -13.02
CA GLU B 20 -24.74 17.20 -14.27
C GLU B 20 -23.26 17.47 -14.07
N ASN B 21 -22.84 17.81 -12.85
CA ASN B 21 -21.41 18.05 -12.64
C ASN B 21 -20.81 17.42 -11.38
N ILE B 22 -21.60 16.92 -10.44
CA ILE B 22 -21.04 16.23 -9.27
C ILE B 22 -22.09 15.28 -8.72
N ILE B 23 -21.64 14.10 -8.29
CA ILE B 23 -22.50 13.11 -7.66
C ILE B 23 -21.83 12.63 -6.38
N PHE B 24 -22.58 12.63 -5.29
CA PHE B 24 -22.04 12.25 -4.00
C PHE B 24 -22.47 10.83 -3.66
N GLU B 25 -21.64 10.14 -2.87
CA GLU B 25 -22.07 8.88 -2.30
C GLU B 25 -23.14 9.12 -1.24
N GLU B 26 -23.97 8.10 -0.99
CA GLU B 26 -24.83 8.11 0.17
C GLU B 26 -24.03 7.96 1.46
N GLY B 33 -18.21 14.50 9.08
CA GLY B 33 -19.43 14.58 8.32
C GLY B 33 -19.29 15.40 7.06
N ILE B 34 -18.27 15.10 6.26
CA ILE B 34 -18.06 15.79 5.00
C ILE B 34 -18.49 14.86 3.86
N PRO B 35 -18.97 15.41 2.74
CA PRO B 35 -19.45 14.55 1.66
C PRO B 35 -18.32 13.75 1.04
N ILE B 36 -18.69 12.61 0.47
CA ILE B 36 -17.80 11.74 -0.28
C ILE B 36 -18.24 11.76 -1.73
N ILE B 37 -17.30 12.04 -2.63
CA ILE B 37 -17.63 12.26 -4.03
C ILE B 37 -17.57 10.94 -4.78
N LYS B 38 -18.67 10.62 -5.47
CA LYS B 38 -18.70 9.46 -6.35
C LYS B 38 -18.14 9.79 -7.73
N ALA B 39 -18.54 10.93 -8.27
CA ALA B 39 -18.17 11.31 -9.63
C ALA B 39 -18.32 12.81 -9.77
N GLY B 40 -17.60 13.38 -10.74
CA GLY B 40 -17.74 14.81 -10.99
C GLY B 40 -16.87 15.24 -12.16
N THR B 41 -17.14 16.45 -12.64
CA THR B 41 -16.25 17.06 -13.60
C THR B 41 -14.93 17.40 -12.92
N VAL B 42 -13.88 17.59 -13.73
CA VAL B 42 -12.59 17.95 -13.13
C VAL B 42 -12.71 19.28 -12.38
N ILE B 43 -13.50 20.22 -12.91
CA ILE B 43 -13.69 21.50 -12.23
C ILE B 43 -14.28 21.29 -10.83
N LYS B 44 -15.29 20.42 -10.73
CA LYS B 44 -15.90 20.18 -9.43
C LYS B 44 -14.98 19.40 -8.50
N LEU B 45 -14.19 18.46 -9.05
CA LEU B 45 -13.21 17.78 -8.20
C LEU B 45 -12.23 18.77 -7.60
N ILE B 46 -11.74 19.71 -8.40
CA ILE B 46 -10.76 20.66 -7.91
C ILE B 46 -11.39 21.64 -6.92
N GLU B 47 -12.65 22.03 -7.16
CA GLU B 47 -13.36 22.86 -6.20
C GLU B 47 -13.41 22.20 -4.83
N ARG B 48 -13.83 20.92 -4.79
CA ARG B 48 -13.95 20.21 -3.52
C ARG B 48 -12.59 19.85 -2.94
N LEU B 49 -11.57 19.74 -3.79
CA LEU B 49 -10.20 19.51 -3.33
C LEU B 49 -9.69 20.68 -2.52
N THR B 50 -10.24 21.87 -2.75
CA THR B 50 -9.76 23.12 -2.17
C THR B 50 -10.94 23.90 -1.61
N TYR B 51 -11.84 23.22 -0.93
CA TYR B 51 -13.15 23.75 -0.60
C TYR B 51 -13.06 24.75 0.54
N HIS B 52 -13.89 25.80 0.49
CA HIS B 52 -13.76 26.84 1.52
C HIS B 52 -14.28 26.39 2.87
N MET B 53 -15.18 25.39 2.93
CA MET B 53 -15.83 25.04 4.20
C MET B 53 -15.05 24.03 5.03
N TYR B 54 -14.17 23.23 4.42
CA TYR B 54 -13.48 22.20 5.19
C TYR B 54 -12.24 21.77 4.44
N ALA B 55 -11.28 21.23 5.17
CA ALA B 55 -10.13 20.57 4.59
C ALA B 55 -10.39 19.08 4.48
N ASP B 56 -9.68 18.44 3.56
CA ASP B 56 -9.87 17.02 3.28
C ASP B 56 -8.53 16.43 2.89
N PRO B 57 -7.62 16.27 3.85
CA PRO B 57 -6.26 15.85 3.49
C PRO B 57 -6.21 14.47 2.87
N ASN B 58 -7.17 13.60 3.19
N ASN B 58 -7.16 13.60 3.22
CA ASN B 58 -7.17 12.30 2.53
CA ASN B 58 -7.24 12.30 2.56
C ASN B 58 -7.63 12.41 1.08
C ASN B 58 -7.58 12.48 1.09
N PHE B 59 -8.53 13.37 0.79
CA PHE B 59 -8.87 13.67 -0.58
C PHE B 59 -7.66 14.21 -1.34
N VAL B 60 -6.87 15.07 -0.70
CA VAL B 60 -5.68 15.60 -1.36
C VAL B 60 -4.73 14.47 -1.74
N ARG B 61 -4.47 13.55 -0.81
CA ARG B 61 -3.62 12.40 -1.14
C ARG B 61 -4.25 11.56 -2.26
N THR B 62 -5.53 11.22 -2.12
CA THR B 62 -6.19 10.41 -3.15
C THR B 62 -6.10 11.07 -4.51
N PHE B 63 -6.40 12.37 -4.57
CA PHE B 63 -6.40 13.09 -5.83
C PHE B 63 -4.99 13.13 -6.43
N LEU B 64 -4.00 13.56 -5.64
CA LEU B 64 -2.65 13.69 -6.16
C LEU B 64 -2.05 12.33 -6.53
N THR B 65 -2.52 11.25 -5.91
CA THR B 65 -2.02 9.93 -6.27
C THR B 65 -2.57 9.47 -7.62
N THR B 66 -3.83 9.80 -7.93
CA THR B 66 -4.58 9.16 -9.01
C THR B 66 -4.97 10.07 -10.18
N TYR B 67 -4.74 11.39 -10.11
CA TYR B 67 -5.38 12.31 -11.06
C TYR B 67 -4.90 12.12 -12.50
N ARG B 68 -3.73 11.51 -12.69
CA ARG B 68 -3.16 11.48 -14.04
C ARG B 68 -3.97 10.62 -14.98
N SER B 69 -4.83 9.75 -14.45
CA SER B 69 -5.76 9.00 -15.28
C SER B 69 -6.90 9.83 -15.83
N PHE B 70 -7.06 11.08 -15.39
CA PHE B 70 -8.10 11.92 -15.97
C PHE B 70 -7.68 13.37 -16.23
N CYS B 71 -6.46 13.76 -15.87
CA CYS B 71 -6.02 15.13 -16.02
C CYS B 71 -4.50 15.13 -16.14
N LYS B 72 -3.97 15.83 -17.13
CA LYS B 72 -2.53 15.90 -17.28
C LYS B 72 -1.93 16.82 -16.20
N PRO B 73 -0.68 16.57 -15.80
CA PRO B 73 -0.05 17.47 -14.81
C PRO B 73 -0.07 18.93 -15.22
N GLN B 74 0.23 19.25 -16.48
CA GLN B 74 0.22 20.65 -16.90
C GLN B 74 -1.16 21.27 -16.76
N GLU B 75 -2.20 20.48 -17.07
CA GLU B 75 -3.55 21.00 -16.96
C GLU B 75 -3.97 21.16 -15.50
N LEU B 76 -3.58 20.22 -14.63
CA LEU B 76 -3.87 20.36 -13.21
C LEU B 76 -3.32 21.67 -12.67
N LEU B 77 -2.06 21.98 -12.99
CA LEU B 77 -1.47 23.21 -12.49
C LEU B 77 -2.23 24.44 -13.01
N SER B 78 -2.59 24.44 -14.30
CA SER B 78 -3.38 25.56 -14.82
C SER B 78 -4.68 25.70 -14.05
N LEU B 79 -5.33 24.58 -13.75
CA LEU B 79 -6.62 24.64 -13.06
C LEU B 79 -6.48 25.13 -11.62
N ILE B 80 -5.44 24.71 -10.90
CA ILE B 80 -5.37 25.20 -9.52
C ILE B 80 -4.91 26.65 -9.48
N ILE B 81 -4.14 27.12 -10.46
CA ILE B 81 -3.84 28.55 -10.53
C ILE B 81 -5.12 29.33 -10.80
N GLU B 82 -5.96 28.82 -11.69
CA GLU B 82 -7.27 29.43 -11.95
C GLU B 82 -8.11 29.46 -10.68
N ARG B 83 -8.13 28.35 -9.93
CA ARG B 83 -8.82 28.29 -8.65
C ARG B 83 -8.32 29.36 -7.68
N PHE B 84 -7.01 29.59 -7.66
CA PHE B 84 -6.38 30.51 -6.72
C PHE B 84 -6.80 31.96 -6.98
N GLU B 85 -7.01 32.33 -8.25
CA GLU B 85 -7.20 33.72 -8.63
C GLU B 85 -8.69 34.09 -8.49
N ILE B 86 -9.08 34.37 -7.24
CA ILE B 86 -10.48 34.63 -6.92
C ILE B 86 -10.75 36.13 -6.95
N PRO B 87 -11.76 36.58 -7.68
CA PRO B 87 -12.08 38.02 -7.70
C PRO B 87 -12.78 38.44 -6.42
N GLU B 88 -12.46 39.65 -5.98
CA GLU B 88 -13.09 40.19 -4.79
C GLU B 88 -14.39 40.91 -5.15
N PRO B 89 -15.39 40.89 -4.28
CA PRO B 89 -16.66 41.55 -4.60
C PRO B 89 -16.54 43.07 -4.57
N GLU B 90 -17.44 43.73 -5.27
CA GLU B 90 -17.50 45.19 -5.30
C GLU B 90 -18.12 45.72 -4.01
N PRO B 91 -17.88 46.99 -3.68
CA PRO B 91 -18.50 47.57 -2.49
C PRO B 91 -20.02 47.45 -2.56
N THR B 92 -20.64 47.26 -1.39
CA THR B 92 -22.08 47.16 -1.28
C THR B 92 -22.72 48.53 -1.15
N GLU B 93 -24.05 48.55 -1.09
CA GLU B 93 -24.77 49.81 -0.99
C GLU B 93 -24.39 50.59 0.26
N ALA B 94 -24.29 49.91 1.41
CA ALA B 94 -23.87 50.59 2.64
C ALA B 94 -22.47 51.19 2.49
N ASP B 95 -21.54 50.45 1.87
CA ASP B 95 -20.21 50.98 1.65
C ASP B 95 -20.24 52.20 0.75
N ARG B 96 -21.04 52.13 -0.32
CA ARG B 96 -21.17 53.24 -1.26
C ARG B 96 -21.65 54.49 -0.54
N ILE B 97 -22.67 54.35 0.30
CA ILE B 97 -23.22 55.51 1.01
C ILE B 97 -22.18 56.08 1.97
N ALA B 98 -21.42 55.22 2.64
CA ALA B 98 -20.36 55.71 3.51
C ALA B 98 -19.34 56.53 2.73
N ILE B 99 -18.88 55.99 1.60
CA ILE B 99 -17.88 56.68 0.79
C ILE B 99 -18.42 58.02 0.29
N GLU B 100 -19.69 58.06 -0.14
CA GLU B 100 -20.27 59.31 -0.62
C GLU B 100 -20.30 60.38 0.44
N ASN B 101 -20.31 60.00 1.72
CA ASN B 101 -20.27 60.93 2.84
C ASN B 101 -18.86 61.16 3.37
N GLY B 102 -17.84 60.72 2.65
CA GLY B 102 -16.47 60.91 3.08
C GLY B 102 -16.03 60.05 4.24
N ASP B 103 -16.76 58.99 4.55
CA ASP B 103 -16.43 58.11 5.66
C ASP B 103 -15.77 56.83 5.14
N GLN B 104 -15.13 56.12 6.06
CA GLN B 104 -14.56 54.83 5.72
C GLN B 104 -15.65 53.77 5.70
N PRO B 105 -15.79 52.99 4.64
CA PRO B 105 -16.80 51.93 4.62
C PRO B 105 -16.45 50.82 5.59
N LEU B 106 -17.49 50.14 6.09
CA LEU B 106 -17.26 48.99 6.94
C LEU B 106 -16.74 47.80 6.13
N SER B 107 -17.15 47.67 4.87
CA SER B 107 -16.70 46.59 4.00
C SER B 107 -16.94 45.21 4.62
N ALA B 108 -18.05 45.08 5.35
CA ALA B 108 -18.31 43.85 6.08
C ALA B 108 -18.35 42.64 5.15
N GLU B 109 -19.07 42.76 4.04
CA GLU B 109 -19.20 41.63 3.13
C GLU B 109 -17.85 41.28 2.50
N LEU B 110 -17.08 42.29 2.10
CA LEU B 110 -15.75 42.07 1.55
C LEU B 110 -14.85 41.37 2.56
N LYS B 111 -14.82 41.86 3.79
CA LYS B 111 -13.96 41.27 4.82
C LYS B 111 -14.36 39.82 5.10
N ARG B 112 -15.66 39.55 5.18
CA ARG B 112 -16.09 38.17 5.40
C ARG B 112 -15.68 37.28 4.23
N PHE B 113 -15.87 37.75 2.99
CA PHE B 113 -15.51 36.93 1.84
C PHE B 113 -14.02 36.63 1.81
N ARG B 114 -13.19 37.62 2.15
CA ARG B 114 -11.75 37.38 2.24
C ARG B 114 -11.43 36.34 3.31
N LYS B 115 -12.03 36.47 4.47
CA LYS B 115 -11.70 35.63 5.62
C LYS B 115 -12.25 34.22 5.46
N GLU B 116 -13.43 34.08 4.87
CA GLU B 116 -14.13 32.80 4.88
C GLU B 116 -14.18 32.11 3.52
N TYR B 117 -13.86 32.81 2.44
CA TYR B 117 -13.76 32.16 1.13
C TYR B 117 -12.35 32.25 0.57
N ILE B 118 -11.83 33.46 0.30
CA ILE B 118 -10.57 33.57 -0.43
C ILE B 118 -9.43 32.94 0.36
N GLN B 119 -9.23 33.36 1.60
CA GLN B 119 -8.07 32.86 2.33
C GLN B 119 -8.12 31.35 2.55
N PRO B 120 -9.24 30.74 2.94
CA PRO B 120 -9.24 29.26 3.01
C PRO B 120 -9.00 28.59 1.67
N VAL B 121 -9.65 29.04 0.59
CA VAL B 121 -9.46 28.39 -0.71
C VAL B 121 -8.00 28.55 -1.16
N GLN B 122 -7.46 29.75 -1.03
CA GLN B 122 -6.08 29.98 -1.46
C GLN B 122 -5.11 29.12 -0.64
N LEU B 123 -5.31 29.06 0.66
CA LEU B 123 -4.44 28.25 1.49
C LEU B 123 -4.55 26.78 1.10
N ARG B 124 -5.75 26.32 0.78
CA ARG B 124 -5.91 24.92 0.42
C ARG B 124 -5.33 24.64 -0.96
N VAL B 125 -5.36 25.62 -1.87
CA VAL B 125 -4.60 25.48 -3.11
C VAL B 125 -3.12 25.33 -2.79
N LEU B 126 -2.61 26.17 -1.89
CA LEU B 126 -1.19 26.05 -1.54
C LEU B 126 -0.91 24.70 -0.87
N ASN B 127 -1.87 24.17 -0.12
CA ASN B 127 -1.65 22.84 0.46
C ASN B 127 -1.57 21.77 -0.61
N VAL B 128 -2.36 21.90 -1.68
CA VAL B 128 -2.24 20.98 -2.81
C VAL B 128 -0.85 21.08 -3.41
N CYS B 129 -0.38 22.32 -3.64
CA CYS B 129 0.98 22.50 -4.16
C CYS B 129 2.02 21.87 -3.24
N ARG B 130 1.87 22.07 -1.93
CA ARG B 130 2.85 21.57 -0.99
C ARG B 130 2.90 20.04 -0.99
N HIS B 131 1.74 19.39 -0.95
CA HIS B 131 1.68 17.93 -1.02
C HIS B 131 2.19 17.41 -2.36
N TRP B 132 1.84 18.11 -3.44
CA TRP B 132 2.30 17.73 -4.77
C TRP B 132 3.83 17.70 -4.82
N VAL B 133 4.46 18.76 -4.34
CA VAL B 133 5.91 18.84 -4.37
C VAL B 133 6.54 17.86 -3.39
N GLU B 134 5.96 17.71 -2.20
CA GLU B 134 6.62 16.89 -1.18
C GLU B 134 6.47 15.40 -1.45
N HIS B 135 5.32 14.97 -1.93
CA HIS B 135 4.99 13.56 -1.99
C HIS B 135 4.76 13.04 -3.40
N HIS B 136 4.73 13.90 -4.41
CA HIS B 136 4.49 13.47 -5.77
C HIS B 136 5.42 14.20 -6.71
N PHE B 137 6.66 14.39 -6.28
CA PHE B 137 7.61 15.23 -7.00
C PHE B 137 8.01 14.64 -8.35
N TYR B 138 7.70 13.37 -8.60
CA TYR B 138 8.09 12.78 -9.89
C TYR B 138 7.48 13.51 -11.07
N ASP B 139 6.31 14.12 -10.91
CA ASP B 139 5.75 14.92 -12.00
C ASP B 139 6.75 15.98 -12.46
N PHE B 140 7.42 16.61 -11.51
CA PHE B 140 8.38 17.66 -11.77
C PHE B 140 9.75 17.13 -12.19
N GLU B 141 10.14 15.95 -11.70
CA GLU B 141 11.35 15.33 -12.20
C GLU B 141 11.23 14.99 -13.67
N ARG B 142 10.02 14.60 -14.11
CA ARG B 142 9.84 14.13 -15.47
C ARG B 142 9.46 15.24 -16.44
N ASP B 143 9.17 16.42 -15.94
CA ASP B 143 8.76 17.54 -16.79
C ASP B 143 9.36 18.81 -16.17
N ALA B 144 10.52 19.22 -16.66
CA ALA B 144 11.20 20.37 -16.10
C ALA B 144 10.37 21.65 -16.28
N TYR B 145 9.62 21.76 -17.37
CA TYR B 145 8.83 22.95 -17.61
C TYR B 145 7.69 23.06 -16.58
N LEU B 146 7.07 21.94 -16.22
CA LEU B 146 6.09 21.94 -15.14
C LEU B 146 6.69 22.51 -13.86
N LEU B 147 7.92 22.10 -13.53
CA LEU B 147 8.57 22.62 -12.33
C LEU B 147 8.80 24.12 -12.43
N GLN B 148 9.24 24.59 -13.59
CA GLN B 148 9.40 26.02 -13.81
C GLN B 148 8.09 26.76 -13.55
N ARG B 149 6.99 26.23 -14.06
CA ARG B 149 5.68 26.87 -13.85
C ARG B 149 5.30 26.91 -12.37
N MET B 150 5.57 25.82 -11.64
CA MET B 150 5.23 25.81 -10.22
C MET B 150 6.08 26.81 -9.45
N GLU B 151 7.38 26.83 -9.72
CA GLU B 151 8.28 27.80 -9.09
C GLU B 151 7.81 29.22 -9.33
N GLU B 152 7.40 29.52 -10.57
N GLU B 152 7.42 29.52 -10.58
CA GLU B 152 6.99 30.88 -10.92
CA GLU B 152 6.98 30.88 -10.92
C GLU B 152 5.65 31.24 -10.29
C GLU B 152 5.66 31.22 -10.25
N PHE B 153 4.71 30.30 -10.25
CA PHE B 153 3.45 30.55 -9.58
C PHE B 153 3.68 30.84 -8.09
N ILE B 154 4.37 29.95 -7.40
CA ILE B 154 4.57 30.13 -5.96
C ILE B 154 5.36 31.40 -5.70
N GLY B 155 6.42 31.63 -6.47
CA GLY B 155 7.30 32.75 -6.25
C GLY B 155 6.71 34.10 -6.59
N THR B 156 5.53 34.15 -7.19
CA THR B 156 4.87 35.42 -7.47
C THR B 156 3.55 35.60 -6.75
N VAL B 157 3.21 34.75 -5.77
CA VAL B 157 2.05 35.01 -4.92
C VAL B 157 2.38 36.18 -4.01
N ARG B 158 1.54 37.22 -4.05
CA ARG B 158 1.74 38.43 -3.28
C ARG B 158 0.81 38.45 -2.07
N GLY B 159 1.10 39.34 -1.14
CA GLY B 159 0.14 39.51 -0.07
C GLY B 159 0.49 38.75 1.18
N LYS B 160 0.22 39.36 2.32
CA LYS B 160 0.81 38.89 3.56
C LYS B 160 0.14 37.66 4.12
N ALA B 161 -1.13 37.40 3.82
CA ALA B 161 -1.81 36.27 4.44
C ALA B 161 -1.15 34.94 4.07
N MET B 162 -0.69 34.81 2.82
CA MET B 162 -0.09 33.57 2.33
C MET B 162 1.43 33.55 2.45
N LYS B 163 2.06 34.64 2.88
CA LYS B 163 3.50 34.82 2.73
C LYS B 163 4.32 33.73 3.42
N LYS B 164 3.94 33.32 4.64
CA LYS B 164 4.72 32.31 5.32
C LYS B 164 4.78 31.00 4.55
N TRP B 165 3.66 30.62 3.93
CA TRP B 165 3.63 29.35 3.24
C TRP B 165 4.25 29.43 1.86
N VAL B 166 4.11 30.57 1.20
CA VAL B 166 4.77 30.80 -0.09
C VAL B 166 6.28 30.71 0.05
N GLU B 167 6.83 31.41 1.05
CA GLU B 167 8.27 31.37 1.25
C GLU B 167 8.74 29.98 1.67
N SER B 168 7.94 29.27 2.46
CA SER B 168 8.26 27.90 2.82
C SER B 168 8.26 26.99 1.60
N ILE B 169 7.20 27.06 0.78
CA ILE B 169 7.08 26.15 -0.35
C ILE B 169 8.21 26.39 -1.36
N THR B 170 8.60 27.65 -1.54
CA THR B 170 9.76 27.96 -2.37
C THR B 170 11.00 27.21 -1.89
N LYS B 171 11.24 27.20 -0.58
CA LYS B 171 12.42 26.50 -0.07
C LYS B 171 12.29 24.98 -0.21
N ILE B 172 11.09 24.46 0.03
CA ILE B 172 10.85 23.02 -0.12
C ILE B 172 11.17 22.58 -1.54
N ILE B 173 10.68 23.33 -2.53
CA ILE B 173 10.97 23.00 -3.93
C ILE B 173 12.47 22.98 -4.16
N GLN B 174 13.18 24.01 -3.69
CA GLN B 174 14.61 24.07 -3.95
C GLN B 174 15.33 22.90 -3.29
N ARG B 175 14.90 22.51 -2.09
CA ARG B 175 15.46 21.33 -1.43
C ARG B 175 15.19 20.05 -2.23
N LYS B 176 13.95 19.85 -2.65
CA LYS B 176 13.59 18.64 -3.40
C LYS B 176 14.41 18.52 -4.67
N LYS B 177 14.81 19.65 -5.27
CA LYS B 177 15.57 19.59 -6.51
C LYS B 177 16.93 18.94 -6.32
N ILE B 178 17.61 19.23 -5.22
CA ILE B 178 18.97 18.75 -5.01
C ILE B 178 18.99 17.52 -4.09
N ALA B 179 17.86 16.87 -3.89
CA ALA B 179 17.78 15.72 -3.00
C ALA B 179 17.83 14.42 -3.78
N ASN B 187 17.51 9.33 8.57
CA ASN B 187 18.03 9.38 9.94
C ASN B 187 16.98 8.87 10.92
N ILE B 188 17.30 7.80 11.66
CA ILE B 188 16.31 7.05 12.43
C ILE B 188 16.72 7.03 13.90
N THR B 189 15.75 7.27 14.78
CA THR B 189 15.89 7.19 16.24
C THR B 189 15.05 6.04 16.77
N PHE B 190 15.59 5.28 17.74
CA PHE B 190 14.89 4.12 18.30
C PHE B 190 14.74 4.20 19.81
N GLN B 191 13.70 3.52 20.30
CA GLN B 191 13.43 3.28 21.72
C GLN B 191 14.38 2.25 22.34
N SER B 192 15.26 1.62 21.56
CA SER B 192 16.07 0.53 22.07
C SER B 192 17.33 0.39 21.22
N SER B 193 18.28 -0.33 21.75
CA SER B 193 19.39 -0.75 20.91
C SER B 193 19.01 -2.01 20.14
N PRO B 194 19.47 -2.16 18.89
CA PRO B 194 19.20 -3.39 18.17
C PRO B 194 19.97 -4.54 18.80
N PRO B 195 19.49 -5.78 18.64
CA PRO B 195 20.18 -6.91 19.25
C PRO B 195 21.51 -7.18 18.56
N THR B 196 22.35 -7.97 19.25
N THR B 196 22.37 -7.93 19.25
CA THR B 196 23.67 -8.28 18.74
CA THR B 196 23.70 -8.19 18.71
C THR B 196 23.59 -9.19 17.52
C THR B 196 23.62 -9.17 17.54
N VAL B 197 24.42 -8.91 16.51
CA VAL B 197 24.47 -9.78 15.32
C VAL B 197 24.95 -11.16 15.73
N GLU B 198 24.30 -12.21 15.22
CA GLU B 198 24.61 -13.58 15.60
C GLU B 198 25.43 -14.29 14.52
N TRP B 199 26.42 -15.05 14.95
CA TRP B 199 27.30 -15.80 14.05
C TRP B 199 27.32 -17.29 14.40
N HIS B 200 27.57 -18.10 13.37
CA HIS B 200 27.50 -19.56 13.46
C HIS B 200 28.83 -20.08 12.96
N ILE B 201 28.85 -20.91 11.91
CA ILE B 201 30.09 -21.46 11.40
C ILE B 201 30.92 -20.38 10.70
N SER B 202 30.31 -19.68 9.74
CA SER B 202 30.99 -18.58 9.08
C SER B 202 31.24 -17.46 10.10
N ARG B 203 32.46 -16.96 10.14
CA ARG B 203 32.82 -15.90 11.06
C ARG B 203 32.89 -14.56 10.35
N PRO B 204 32.84 -13.45 11.09
CA PRO B 204 32.83 -12.12 10.45
C PRO B 204 33.98 -11.95 9.48
N GLY B 205 33.68 -11.40 8.30
CA GLY B 205 34.69 -11.17 7.30
C GLY B 205 35.00 -12.34 6.38
N HIS B 206 34.44 -13.52 6.64
CA HIS B 206 34.77 -14.70 5.84
C HIS B 206 33.62 -15.02 4.89
N ILE B 207 33.40 -14.07 3.97
CA ILE B 207 32.27 -14.13 3.07
C ILE B 207 32.33 -15.33 2.15
N GLU B 208 33.52 -15.87 1.89
CA GLU B 208 33.65 -17.02 1.00
C GLU B 208 33.00 -18.27 1.56
N THR B 209 32.77 -18.33 2.87
CA THR B 209 32.15 -19.49 3.48
C THR B 209 30.65 -19.32 3.71
N PHE B 210 30.11 -18.11 3.49
CA PHE B 210 28.70 -17.85 3.72
C PHE B 210 27.84 -18.81 2.90
N ASP B 211 26.86 -19.41 3.55
CA ASP B 211 25.91 -20.31 2.89
C ASP B 211 24.73 -20.51 3.82
N LEU B 212 23.71 -21.21 3.31
CA LEU B 212 22.48 -21.46 4.06
C LEU B 212 22.75 -22.03 5.45
N LEU B 213 23.64 -23.02 5.55
CA LEU B 213 23.87 -23.71 6.82
C LEU B 213 25.00 -23.12 7.65
N THR B 214 25.85 -22.26 7.07
CA THR B 214 27.00 -21.72 7.78
C THR B 214 26.74 -20.36 8.41
N LEU B 215 25.88 -19.54 7.80
CA LEU B 215 25.39 -18.35 8.49
C LEU B 215 24.42 -18.77 9.60
N HIS B 216 24.27 -17.91 10.60
CA HIS B 216 23.35 -18.22 11.70
C HIS B 216 21.93 -18.05 11.18
N PRO B 217 21.04 -19.04 11.38
CA PRO B 217 19.68 -18.87 10.84
C PRO B 217 18.97 -17.63 11.37
N ILE B 218 19.19 -17.23 12.62
CA ILE B 218 18.62 -15.97 13.11
C ILE B 218 19.06 -14.81 12.23
N GLU B 219 20.35 -14.77 11.91
CA GLU B 219 20.90 -13.63 11.21
C GLU B 219 20.56 -13.66 9.73
N ILE B 220 20.40 -14.86 9.15
CA ILE B 220 19.85 -14.94 7.80
C ILE B 220 18.49 -14.27 7.76
N ALA B 221 17.62 -14.62 8.70
CA ALA B 221 16.27 -14.05 8.70
C ALA B 221 16.30 -12.55 8.97
N ARG B 222 17.16 -12.10 9.88
CA ARG B 222 17.23 -10.65 10.16
C ARG B 222 17.73 -9.88 8.95
N GLN B 223 18.79 -10.35 8.32
CA GLN B 223 19.37 -9.58 7.22
C GLN B 223 18.46 -9.61 5.99
N LEU B 224 17.81 -10.75 5.73
CA LEU B 224 16.81 -10.79 4.66
C LEU B 224 15.63 -9.88 4.97
N THR B 225 15.25 -9.78 6.25
CA THR B 225 14.14 -8.89 6.61
C THR B 225 14.51 -7.42 6.42
N LEU B 226 15.72 -7.02 6.81
CA LEU B 226 16.16 -5.65 6.53
C LEU B 226 16.17 -5.39 5.01
N LEU B 227 16.69 -6.33 4.24
CA LEU B 227 16.73 -6.18 2.79
C LEU B 227 15.33 -6.09 2.20
N GLU B 228 14.45 -7.02 2.59
CA GLU B 228 13.09 -7.04 2.06
C GLU B 228 12.27 -5.84 2.55
N SER B 229 12.53 -5.38 3.78
CA SER B 229 11.89 -4.17 4.27
C SER B 229 12.29 -2.96 3.42
N ASP B 230 13.60 -2.79 3.20
CA ASP B 230 14.08 -1.71 2.34
C ASP B 230 13.45 -1.78 0.95
N LEU B 231 13.39 -2.98 0.35
CA LEU B 231 12.78 -3.10 -0.96
C LEU B 231 11.30 -2.73 -0.92
N TYR B 232 10.61 -3.18 0.12
CA TYR B 232 9.19 -2.86 0.28
C TYR B 232 8.99 -1.35 0.42
N ARG B 233 9.82 -0.71 1.25
CA ARG B 233 9.68 0.71 1.54
C ARG B 233 10.01 1.59 0.34
N ALA B 234 10.73 1.07 -0.64
CA ALA B 234 11.16 1.88 -1.78
C ALA B 234 10.09 2.02 -2.86
N VAL B 235 8.98 1.27 -2.79
CA VAL B 235 8.00 1.27 -3.87
C VAL B 235 7.09 2.49 -3.73
N GLN B 236 7.03 3.33 -4.78
CA GLN B 236 6.20 4.53 -4.76
C GLN B 236 4.86 4.31 -5.48
N PRO B 237 3.83 5.07 -5.14
CA PRO B 237 2.55 4.90 -5.84
C PRO B 237 2.65 5.08 -7.35
N SER B 238 3.59 5.90 -7.83
CA SER B 238 3.78 6.09 -9.26
C SER B 238 4.08 4.78 -9.99
N GLU B 239 4.62 3.79 -9.27
N GLU B 239 4.62 3.79 -9.27
CA GLU B 239 4.90 2.49 -9.87
CA GLU B 239 4.91 2.49 -9.88
C GLU B 239 3.67 1.60 -9.95
C GLU B 239 3.67 1.60 -9.95
N LEU B 240 2.56 2.02 -9.37
CA LEU B 240 1.36 1.20 -9.23
C LEU B 240 0.14 1.75 -9.97
N VAL B 241 -0.14 3.05 -9.85
CA VAL B 241 -1.34 3.58 -10.48
C VAL B 241 -1.24 3.39 -12.00
N GLY B 242 -2.39 3.16 -12.62
CA GLY B 242 -2.43 2.87 -14.04
C GLY B 242 -1.99 1.48 -14.41
N SER B 243 -1.77 0.61 -13.42
CA SER B 243 -1.35 -0.77 -13.62
C SER B 243 -0.04 -0.84 -14.41
N VAL B 244 0.81 0.17 -14.25
CA VAL B 244 1.96 0.31 -15.14
C VAL B 244 2.99 -0.82 -14.96
N TRP B 245 2.98 -1.53 -13.83
CA TRP B 245 3.94 -2.63 -13.67
C TRP B 245 3.59 -3.85 -14.53
N THR B 246 2.40 -3.87 -15.14
CA THR B 246 2.00 -4.96 -16.03
C THR B 246 2.18 -4.61 -17.50
N LYS B 247 2.50 -3.36 -17.83
CA LYS B 247 2.50 -2.88 -19.20
C LYS B 247 3.89 -2.96 -19.82
N GLU B 248 3.97 -2.59 -21.10
CA GLU B 248 5.20 -2.81 -21.85
C GLU B 248 6.37 -2.02 -21.29
N ASP B 249 6.12 -0.85 -20.72
CA ASP B 249 7.17 -0.01 -20.15
C ASP B 249 7.40 -0.27 -18.66
N LYS B 250 7.02 -1.44 -18.16
CA LYS B 250 7.10 -1.71 -16.73
C LYS B 250 8.50 -1.52 -16.17
N GLU B 251 9.56 -1.80 -16.94
CA GLU B 251 10.90 -1.63 -16.37
C GLU B 251 11.24 -0.17 -16.18
N ILE B 252 10.64 0.71 -16.98
CA ILE B 252 10.83 2.15 -16.81
C ILE B 252 9.99 2.67 -15.65
N ASN B 253 8.74 2.24 -15.58
CA ASN B 253 7.80 2.87 -14.66
C ASN B 253 7.74 2.22 -13.30
N SER B 254 8.14 0.93 -13.19
CA SER B 254 8.02 0.23 -11.92
C SER B 254 9.31 -0.45 -11.45
N PRO B 255 10.47 0.21 -11.55
CA PRO B 255 11.73 -0.50 -11.26
C PRO B 255 11.88 -0.96 -9.82
N ASN B 256 11.46 -0.16 -8.84
CA ASN B 256 11.60 -0.60 -7.45
C ASN B 256 10.68 -1.77 -7.14
N LEU B 257 9.45 -1.74 -7.64
CA LEU B 257 8.56 -2.88 -7.46
C LEU B 257 9.17 -4.14 -8.07
N LEU B 258 9.67 -4.04 -9.30
CA LEU B 258 10.19 -5.24 -9.96
C LEU B 258 11.44 -5.75 -9.27
N LYS B 259 12.30 -4.85 -8.79
CA LYS B 259 13.47 -5.28 -8.01
C LYS B 259 13.02 -6.06 -6.77
N MET B 260 11.97 -5.58 -6.12
CA MET B 260 11.44 -6.26 -4.93
C MET B 260 10.93 -7.65 -5.27
N ILE B 261 10.14 -7.78 -6.33
CA ILE B 261 9.58 -9.07 -6.71
C ILE B 261 10.70 -10.02 -7.15
N ARG B 262 11.67 -9.50 -7.89
CA ARG B 262 12.76 -10.36 -8.35
C ARG B 262 13.61 -10.87 -7.19
N HIS B 263 13.80 -10.06 -6.15
CA HIS B 263 14.44 -10.56 -4.94
C HIS B 263 13.66 -11.73 -4.35
N THR B 264 12.35 -11.55 -4.17
CA THR B 264 11.52 -12.61 -3.61
C THR B 264 11.62 -13.89 -4.45
N THR B 265 11.54 -13.74 -5.77
CA THR B 265 11.63 -14.89 -6.65
C THR B 265 12.98 -15.58 -6.51
N ASN B 266 14.06 -14.81 -6.49
CA ASN B 266 15.40 -15.39 -6.37
C ASN B 266 15.55 -16.16 -5.05
N LEU B 267 15.03 -15.60 -3.95
CA LEU B 267 15.17 -16.31 -2.67
C LEU B 267 14.39 -17.62 -2.67
N THR B 268 13.17 -17.60 -3.19
CA THR B 268 12.42 -18.85 -3.30
C THR B 268 13.18 -19.88 -4.13
N LEU B 269 13.71 -19.46 -5.28
CA LEU B 269 14.47 -20.39 -6.11
C LEU B 269 15.74 -20.86 -5.41
N TRP B 270 16.37 -19.98 -4.64
CA TRP B 270 17.56 -20.38 -3.91
C TRP B 270 17.24 -21.44 -2.86
N PHE B 271 16.13 -21.28 -2.13
CA PHE B 271 15.71 -22.32 -1.19
C PHE B 271 15.50 -23.65 -1.91
N GLU B 272 14.79 -23.64 -3.03
CA GLU B 272 14.57 -24.88 -3.78
C GLU B 272 15.89 -25.49 -4.23
N LYS B 273 16.81 -24.65 -4.71
CA LYS B 273 18.10 -25.11 -5.19
C LYS B 273 18.92 -25.74 -4.06
N CYS B 274 18.99 -25.06 -2.92
CA CYS B 274 19.68 -25.63 -1.76
C CYS B 274 19.13 -27.01 -1.39
N ILE B 275 17.81 -27.17 -1.49
CA ILE B 275 17.19 -28.43 -1.13
C ILE B 275 17.55 -29.52 -2.14
N VAL B 276 17.26 -29.30 -3.43
CA VAL B 276 17.39 -30.40 -4.37
C VAL B 276 18.83 -30.68 -4.78
N GLU B 277 19.74 -29.71 -4.60
CA GLU B 277 21.15 -30.00 -4.84
C GLU B 277 21.84 -30.69 -3.65
N THR B 278 21.14 -30.88 -2.56
CA THR B 278 21.64 -31.66 -1.43
C THR B 278 21.13 -33.08 -1.62
N GLU B 279 21.97 -33.92 -2.25
CA GLU B 279 21.49 -35.23 -2.68
C GLU B 279 21.41 -36.25 -1.54
N ASN B 280 22.27 -36.12 -0.53
CA ASN B 280 22.21 -37.02 0.62
C ASN B 280 20.97 -36.72 1.46
N LEU B 281 20.19 -37.76 1.76
CA LEU B 281 18.90 -37.55 2.43
C LEU B 281 19.09 -36.87 3.78
N GLU B 282 19.98 -37.40 4.61
CA GLU B 282 20.17 -36.82 5.95
C GLU B 282 20.59 -35.36 5.85
N GLU B 283 21.50 -35.04 4.93
CA GLU B 283 21.88 -33.64 4.77
C GLU B 283 20.72 -32.79 4.25
N ARG B 284 19.91 -33.32 3.35
CA ARG B 284 18.79 -32.56 2.82
C ARG B 284 17.74 -32.28 3.89
N VAL B 285 17.52 -33.24 4.79
CA VAL B 285 16.65 -33.01 5.92
C VAL B 285 17.16 -31.84 6.75
N ALA B 286 18.47 -31.76 6.97
CA ALA B 286 19.02 -30.64 7.74
C ALA B 286 18.81 -29.31 7.03
N VAL B 287 18.92 -29.32 5.70
CA VAL B 287 18.67 -28.11 4.90
C VAL B 287 17.23 -27.65 5.06
N VAL B 288 16.27 -28.56 4.86
CA VAL B 288 14.86 -28.20 4.99
C VAL B 288 14.55 -27.71 6.41
N SER B 289 15.06 -28.44 7.42
N SER B 289 15.05 -28.43 7.42
CA SER B 289 14.87 -28.03 8.80
CA SER B 289 14.84 -27.99 8.79
C SER B 289 15.39 -26.61 9.04
C SER B 289 15.38 -26.59 9.03
N ARG B 290 16.54 -26.28 8.47
CA ARG B 290 17.09 -24.95 8.63
C ARG B 290 16.20 -23.90 7.95
N ILE B 291 15.65 -24.24 6.79
CA ILE B 291 14.76 -23.30 6.10
C ILE B 291 13.51 -23.03 6.93
N ILE B 292 12.97 -24.06 7.58
CA ILE B 292 11.78 -23.85 8.40
C ILE B 292 12.11 -23.05 9.67
N GLU B 293 13.34 -23.19 10.18
CA GLU B 293 13.76 -22.31 11.28
C GLU B 293 13.84 -20.85 10.82
N ILE B 294 14.36 -20.61 9.62
CA ILE B 294 14.37 -19.24 9.10
C ILE B 294 12.94 -18.71 8.98
N LEU B 295 12.02 -19.53 8.46
CA LEU B 295 10.60 -19.19 8.41
C LEU B 295 10.08 -18.79 9.79
N GLN B 296 10.44 -19.55 10.82
CA GLN B 296 10.01 -19.23 12.17
C GLN B 296 10.47 -17.83 12.56
N VAL B 297 11.71 -17.47 12.25
CA VAL B 297 12.18 -16.13 12.61
C VAL B 297 11.47 -15.06 11.78
N PHE B 298 11.21 -15.34 10.49
CA PHE B 298 10.41 -14.44 9.66
C PHE B 298 9.06 -14.15 10.32
N GLN B 299 8.38 -15.20 10.79
CA GLN B 299 7.12 -15.02 11.51
C GLN B 299 7.30 -14.13 12.71
N GLU B 300 8.35 -14.37 13.51
CA GLU B 300 8.58 -13.54 14.69
C GLU B 300 8.82 -12.08 14.33
N LEU B 301 9.42 -11.84 13.17
CA LEU B 301 9.72 -10.49 12.71
C LEU B 301 8.58 -9.84 11.93
N ASN B 302 7.46 -10.53 11.76
CA ASN B 302 6.36 -10.06 10.90
C ASN B 302 6.85 -9.80 9.48
N ASN B 303 7.80 -10.59 8.99
CA ASN B 303 8.21 -10.48 7.59
C ASN B 303 7.36 -11.46 6.80
N PHE B 304 6.20 -10.99 6.36
CA PHE B 304 5.29 -11.86 5.65
C PHE B 304 5.77 -12.16 4.23
N ASN B 305 6.49 -11.22 3.60
CA ASN B 305 7.13 -11.55 2.34
C ASN B 305 8.04 -12.77 2.53
N GLY B 306 8.85 -12.74 3.58
CA GLY B 306 9.77 -13.85 3.85
C GLY B 306 9.02 -15.14 4.12
N VAL B 307 7.97 -15.09 4.93
CA VAL B 307 7.13 -16.26 5.17
C VAL B 307 6.70 -16.88 3.85
N LEU B 308 6.17 -16.07 2.94
CA LEU B 308 5.65 -16.64 1.71
C LEU B 308 6.76 -17.11 0.76
N GLU B 309 7.94 -16.47 0.79
CA GLU B 309 9.08 -16.98 0.03
C GLU B 309 9.38 -18.43 0.40
N VAL B 310 9.30 -18.73 1.69
CA VAL B 310 9.56 -20.09 2.15
C VAL B 310 8.42 -21.02 1.77
N VAL B 311 7.18 -20.60 2.05
CA VAL B 311 6.02 -21.42 1.72
C VAL B 311 6.01 -21.75 0.23
N SER B 312 6.28 -20.74 -0.62
CA SER B 312 6.32 -20.97 -2.06
C SER B 312 7.36 -22.02 -2.44
N ALA B 313 8.55 -21.99 -1.79
CA ALA B 313 9.57 -22.99 -2.06
C ALA B 313 9.11 -24.38 -1.63
N MET B 314 8.52 -24.49 -0.44
CA MET B 314 8.14 -25.81 0.05
C MET B 314 6.95 -26.37 -0.70
N ASN B 315 6.13 -25.53 -1.33
CA ASN B 315 5.01 -26.00 -2.14
C ASN B 315 5.34 -26.14 -3.61
N SER B 316 6.58 -25.85 -4.00
CA SER B 316 6.97 -25.94 -5.41
C SER B 316 7.04 -27.39 -5.85
N SER B 317 6.87 -27.61 -7.16
CA SER B 317 6.92 -28.96 -7.70
C SER B 317 8.19 -29.73 -7.33
N PRO B 318 9.41 -29.17 -7.39
CA PRO B 318 10.59 -29.97 -7.04
C PRO B 318 10.65 -30.38 -5.58
N VAL B 319 10.15 -29.54 -4.67
CA VAL B 319 10.29 -29.80 -3.24
C VAL B 319 9.12 -30.61 -2.70
N TYR B 320 7.92 -30.25 -3.13
CA TYR B 320 6.69 -30.85 -2.59
C TYR B 320 6.72 -32.37 -2.63
N ARG B 321 7.31 -32.94 -3.69
CA ARG B 321 7.24 -34.38 -3.91
C ARG B 321 8.29 -35.19 -3.12
N LEU B 322 9.11 -34.55 -2.29
CA LEU B 322 10.20 -35.24 -1.58
C LEU B 322 9.68 -35.89 -0.29
N ASP B 323 8.91 -36.95 -0.49
CA ASP B 323 8.23 -37.61 0.63
C ASP B 323 9.21 -38.20 1.63
N HIS B 324 10.36 -38.71 1.16
CA HIS B 324 11.33 -39.27 2.10
C HIS B 324 11.92 -38.18 2.98
N THR B 325 12.13 -37.00 2.43
CA THR B 325 12.60 -35.87 3.22
C THR B 325 11.52 -35.41 4.20
N PHE B 326 10.28 -35.32 3.72
CA PHE B 326 9.16 -34.93 4.56
C PHE B 326 9.02 -35.85 5.77
N GLU B 327 9.20 -37.16 5.57
CA GLU B 327 8.96 -38.10 6.65
C GLU B 327 9.89 -37.85 7.83
N GLN B 328 11.06 -37.27 7.59
CA GLN B 328 12.02 -37.09 8.68
C GLN B 328 11.97 -35.70 9.32
N ILE B 329 11.15 -34.79 8.82
CA ILE B 329 11.07 -33.46 9.43
C ILE B 329 10.34 -33.56 10.77
N PRO B 330 10.86 -32.98 11.84
CA PRO B 330 10.16 -33.04 13.13
C PRO B 330 8.73 -32.53 13.05
N SER B 331 7.86 -33.16 13.83
N SER B 331 7.85 -33.12 13.87
CA SER B 331 6.44 -32.82 13.84
CA SER B 331 6.46 -32.71 13.91
C SER B 331 6.21 -31.33 14.10
C SER B 331 6.31 -31.21 14.18
N ARG B 332 6.97 -30.75 15.03
N ARG B 332 7.08 -30.67 15.12
CA ARG B 332 6.78 -29.33 15.34
CA ARG B 332 6.94 -29.25 15.45
C ARG B 332 7.08 -28.46 14.13
C ARG B 332 7.25 -28.37 14.25
N GLN B 333 8.09 -28.84 13.33
CA GLN B 333 8.42 -28.04 12.16
C GLN B 333 7.39 -28.22 11.05
N LYS B 334 6.85 -29.42 10.91
CA LYS B 334 5.70 -29.58 10.03
C LYS B 334 4.56 -28.65 10.43
N LYS B 335 4.33 -28.51 11.72
N LYS B 335 4.32 -28.50 11.73
CA LYS B 335 3.25 -27.65 12.20
CA LYS B 335 3.22 -27.64 12.17
C LYS B 335 3.52 -26.19 11.90
C LYS B 335 3.52 -26.17 11.89
N ILE B 336 4.77 -25.74 12.07
CA ILE B 336 5.15 -24.38 11.75
C ILE B 336 4.88 -24.09 10.27
N LEU B 337 5.30 -25.01 9.41
CA LEU B 337 5.10 -24.79 7.98
C LEU B 337 3.61 -24.82 7.63
N GLU B 338 2.86 -25.71 8.25
CA GLU B 338 1.42 -25.79 8.02
C GLU B 338 0.73 -24.49 8.40
N GLU B 339 1.04 -23.96 9.58
CA GLU B 339 0.43 -22.70 10.01
C GLU B 339 0.79 -21.56 9.05
N ALA B 340 2.04 -21.52 8.59
CA ALA B 340 2.44 -20.51 7.62
C ALA B 340 1.64 -20.67 6.34
N HIS B 341 1.52 -21.90 5.84
CA HIS B 341 0.73 -22.10 4.62
C HIS B 341 -0.73 -21.73 4.82
N GLU B 342 -1.27 -21.94 6.02
CA GLU B 342 -2.66 -21.61 6.26
C GLU B 342 -2.93 -20.11 6.15
N LEU B 343 -1.91 -19.27 6.31
CA LEU B 343 -2.09 -17.84 6.05
C LEU B 343 -2.60 -17.57 4.63
N SER B 344 -2.17 -18.38 3.66
CA SER B 344 -2.50 -18.16 2.26
C SER B 344 -3.83 -18.78 1.85
N GLU B 345 -4.38 -19.68 2.65
CA GLU B 345 -5.59 -20.39 2.28
C GLU B 345 -6.79 -19.45 2.21
N ASP B 346 -7.80 -19.88 1.46
N ASP B 346 -7.79 -19.86 1.44
CA ASP B 346 -9.03 -19.12 1.24
CA ASP B 346 -9.03 -19.10 1.29
C ASP B 346 -8.73 -17.66 0.92
C ASP B 346 -8.75 -17.64 0.91
N HIS B 347 -7.94 -17.47 -0.14
CA HIS B 347 -7.62 -16.15 -0.67
C HIS B 347 -6.99 -15.26 0.41
N TYR B 348 -6.04 -15.84 1.15
CA TYR B 348 -5.22 -15.13 2.13
C TYR B 348 -6.02 -14.63 3.32
N LYS B 349 -7.12 -15.30 3.65
CA LYS B 349 -8.00 -14.82 4.71
C LYS B 349 -7.25 -14.62 6.03
N LYS B 350 -6.47 -15.62 6.46
CA LYS B 350 -5.77 -15.49 7.75
C LYS B 350 -4.59 -14.53 7.65
N TYR B 351 -3.92 -14.47 6.50
CA TYR B 351 -2.89 -13.47 6.31
C TYR B 351 -3.43 -12.05 6.51
N LEU B 352 -4.54 -11.73 5.83
CA LEU B 352 -5.08 -10.37 5.90
C LEU B 352 -5.42 -9.99 7.33
N ALA B 353 -6.02 -10.92 8.08
CA ALA B 353 -6.36 -10.69 9.48
C ALA B 353 -5.11 -10.55 10.33
N LYS B 354 -4.08 -11.36 10.06
CA LYS B 354 -2.85 -11.26 10.84
C LYS B 354 -2.15 -9.93 10.58
N LEU B 355 -2.02 -9.55 9.31
CA LEU B 355 -1.40 -8.27 8.98
C LEU B 355 -2.06 -7.13 9.72
N ARG B 356 -3.39 -7.16 9.79
CA ARG B 356 -4.15 -6.10 10.44
C ARG B 356 -4.11 -6.19 11.96
N SER B 357 -3.53 -7.24 12.53
CA SER B 357 -3.49 -7.36 13.98
C SER B 357 -2.11 -7.16 14.58
N ILE B 358 -1.03 -7.30 13.80
CA ILE B 358 0.31 -7.27 14.41
C ILE B 358 0.72 -5.84 14.73
N ASN B 359 1.80 -5.72 15.48
CA ASN B 359 2.41 -4.44 15.81
C ASN B 359 3.55 -4.23 14.85
N PRO B 360 3.47 -3.26 13.93
CA PRO B 360 4.60 -3.06 13.01
C PRO B 360 5.88 -2.72 13.78
N PRO B 361 7.06 -2.82 13.13
CA PRO B 361 7.29 -3.01 11.70
C PRO B 361 6.95 -4.42 11.18
N CYS B 362 6.58 -4.46 9.91
CA CYS B 362 6.30 -5.69 9.19
C CYS B 362 6.75 -5.50 7.74
N VAL B 363 6.82 -6.60 7.00
CA VAL B 363 7.00 -6.57 5.55
C VAL B 363 5.81 -7.29 4.93
N PRO B 364 4.83 -6.56 4.42
CA PRO B 364 3.68 -7.19 3.77
C PRO B 364 4.09 -7.96 2.54
N PHE B 365 3.23 -8.91 2.17
CA PHE B 365 3.30 -9.51 0.84
C PHE B 365 2.67 -8.56 -0.18
N PHE B 366 3.43 -8.15 -1.20
CA PHE B 366 2.93 -7.13 -2.11
C PHE B 366 1.92 -7.69 -3.12
N GLY B 367 1.98 -8.99 -3.42
CA GLY B 367 1.19 -9.52 -4.54
C GLY B 367 -0.29 -9.24 -4.43
N ILE B 368 -0.83 -9.28 -3.20
CA ILE B 368 -2.26 -9.05 -3.00
C ILE B 368 -2.64 -7.63 -3.39
N TYR B 369 -1.81 -6.67 -3.00
CA TYR B 369 -2.04 -5.27 -3.37
C TYR B 369 -2.05 -5.12 -4.89
N LEU B 370 -1.13 -5.78 -5.57
CA LEU B 370 -1.03 -5.67 -7.03
C LEU B 370 -2.30 -6.17 -7.69
N THR B 371 -2.76 -7.36 -7.30
CA THR B 371 -3.99 -7.90 -7.88
C THR B 371 -5.19 -6.99 -7.57
N ASN B 372 -5.30 -6.48 -6.34
CA ASN B 372 -6.44 -5.64 -6.01
C ASN B 372 -6.41 -4.32 -6.75
N ILE B 373 -5.23 -3.72 -6.94
CA ILE B 373 -5.15 -2.48 -7.71
C ILE B 373 -5.52 -2.75 -9.17
N LEU B 374 -4.97 -3.81 -9.75
N LEU B 374 -4.97 -3.80 -9.76
CA LEU B 374 -5.24 -4.12 -11.16
CA LEU B 374 -5.24 -4.12 -11.16
C LEU B 374 -6.71 -4.42 -11.40
C LEU B 374 -6.72 -4.38 -11.38
N LYS B 375 -7.33 -5.20 -10.53
CA LYS B 375 -8.73 -5.55 -10.71
C LYS B 375 -9.63 -4.36 -10.47
N THR B 376 -9.26 -3.49 -9.52
CA THR B 376 -10.03 -2.25 -9.33
C THR B 376 -9.98 -1.38 -10.59
N GLU B 377 -8.79 -1.24 -11.19
N GLU B 377 -8.81 -1.27 -11.21
CA GLU B 377 -8.65 -0.45 -12.41
CA GLU B 377 -8.71 -0.43 -12.40
C GLU B 377 -9.44 -1.07 -13.56
C GLU B 377 -9.39 -1.06 -13.61
N GLU B 378 -9.29 -2.38 -13.74
CA GLU B 378 -9.90 -3.06 -14.88
C GLU B 378 -11.40 -3.20 -14.72
N GLY B 379 -11.90 -3.31 -13.51
CA GLY B 379 -13.29 -3.66 -13.29
C GLY B 379 -14.23 -2.50 -13.07
N ASN B 380 -13.76 -1.27 -13.20
CA ASN B 380 -14.56 -0.07 -12.99
C ASN B 380 -14.35 0.89 -14.15
N PRO B 381 -15.39 1.60 -14.59
CA PRO B 381 -15.24 2.50 -15.74
C PRO B 381 -14.57 3.80 -15.35
N GLU B 382 -13.88 4.40 -16.33
CA GLU B 382 -13.20 5.67 -16.11
C GLU B 382 -14.20 6.80 -15.89
N VAL B 383 -15.35 6.75 -16.56
CA VAL B 383 -16.34 7.81 -16.47
C VAL B 383 -17.71 7.22 -16.18
N LEU B 384 -18.57 8.02 -15.57
CA LEU B 384 -19.99 7.72 -15.48
C LEU B 384 -20.74 8.71 -16.34
N LYS B 385 -21.72 8.22 -17.08
CA LYS B 385 -22.53 9.05 -17.97
C LYS B 385 -23.83 9.38 -17.24
N ARG B 386 -24.10 10.68 -17.09
CA ARG B 386 -25.25 11.15 -16.35
C ARG B 386 -25.79 12.39 -17.03
N HIS B 387 -27.08 12.36 -17.38
CA HIS B 387 -27.74 13.55 -17.94
C HIS B 387 -27.01 14.07 -19.18
N GLY B 388 -26.51 13.15 -20.00
CA GLY B 388 -25.76 13.51 -21.18
C GLY B 388 -24.32 13.94 -20.96
N LYS B 389 -23.85 14.01 -19.71
CA LYS B 389 -22.50 14.42 -19.40
C LYS B 389 -21.63 13.23 -19.02
N GLU B 390 -20.34 13.36 -19.25
CA GLU B 390 -19.37 12.36 -18.81
C GLU B 390 -18.70 12.89 -17.55
N LEU B 391 -18.90 12.20 -16.44
CA LEU B 391 -18.30 12.57 -15.17
C LEU B 391 -17.16 11.62 -14.84
N ILE B 392 -16.07 12.18 -14.32
CA ILE B 392 -14.95 11.34 -13.85
C ILE B 392 -15.44 10.44 -12.73
N ASN B 393 -15.19 9.13 -12.86
CA ASN B 393 -15.60 8.17 -11.83
C ASN B 393 -14.57 8.23 -10.72
N PHE B 394 -14.82 9.06 -9.72
CA PHE B 394 -13.81 9.25 -8.70
C PHE B 394 -13.81 8.12 -7.67
N SER B 395 -14.93 7.44 -7.47
N SER B 395 -14.94 7.45 -7.48
CA SER B 395 -14.95 6.34 -6.52
CA SER B 395 -14.98 6.33 -6.54
C SER B 395 -13.93 5.27 -6.91
C SER B 395 -13.97 5.25 -6.91
N LYS B 396 -13.75 5.03 -8.21
CA LYS B 396 -12.71 4.09 -8.65
C LYS B 396 -11.32 4.52 -8.20
N ARG B 397 -11.00 5.81 -8.36
CA ARG B 397 -9.71 6.33 -7.93
C ARG B 397 -9.55 6.27 -6.41
N ARG B 398 -10.62 6.57 -5.67
CA ARG B 398 -10.57 6.45 -4.22
C ARG B 398 -10.24 5.02 -3.79
N LYS B 399 -10.83 4.03 -4.46
CA LYS B 399 -10.53 2.65 -4.13
C LYS B 399 -9.06 2.33 -4.37
N VAL B 400 -8.50 2.79 -5.49
CA VAL B 400 -7.07 2.56 -5.74
C VAL B 400 -6.22 3.23 -4.64
N ALA B 401 -6.56 4.46 -4.29
CA ALA B 401 -5.78 5.21 -3.30
C ALA B 401 -5.94 4.63 -1.88
N GLU B 402 -7.04 3.94 -1.60
CA GLU B 402 -7.12 3.21 -0.34
C GLU B 402 -6.05 2.13 -0.28
N ILE B 403 -5.82 1.44 -1.39
CA ILE B 403 -4.78 0.42 -1.41
C ILE B 403 -3.39 1.05 -1.31
N THR B 404 -3.11 2.09 -2.11
CA THR B 404 -1.78 2.72 -2.00
C THR B 404 -1.59 3.34 -0.62
N GLY B 405 -2.66 3.82 0.00
CA GLY B 405 -2.54 4.34 1.36
C GLY B 405 -2.17 3.25 2.37
N GLU B 406 -2.78 2.07 2.23
N GLU B 406 -2.79 2.08 2.23
CA GLU B 406 -2.45 0.96 3.11
CA GLU B 406 -2.43 0.97 3.11
C GLU B 406 -1.00 0.53 2.93
C GLU B 406 -0.98 0.59 2.94
N ILE B 407 -0.53 0.48 1.69
CA ILE B 407 0.88 0.20 1.41
C ILE B 407 1.76 1.20 2.13
N GLN B 408 1.47 2.49 1.94
CA GLN B 408 2.31 3.54 2.55
C GLN B 408 2.30 3.46 4.07
N GLN B 409 1.17 3.10 4.67
CA GLN B 409 1.12 3.05 6.13
C GLN B 409 2.15 2.06 6.68
N TYR B 410 2.32 0.90 6.02
CA TYR B 410 3.31 -0.07 6.48
C TYR B 410 4.73 0.27 6.05
N GLN B 411 4.92 1.31 5.23
CA GLN B 411 6.26 1.71 4.84
C GLN B 411 6.92 2.63 5.84
N ASN B 412 6.21 3.08 6.88
CA ASN B 412 6.76 4.11 7.75
C ASN B 412 7.69 3.54 8.81
N GLN B 413 7.37 2.37 9.35
CA GLN B 413 8.02 1.89 10.57
C GLN B 413 9.31 1.15 10.24
N PRO B 414 10.46 1.59 10.77
CA PRO B 414 11.72 0.92 10.49
C PRO B 414 12.03 -0.21 11.47
N TYR B 415 12.79 -1.19 10.99
CA TYR B 415 13.19 -2.30 11.86
C TYR B 415 14.36 -1.89 12.74
N CYS B 416 14.28 -2.27 14.00
CA CYS B 416 15.39 -2.03 14.94
C CYS B 416 16.34 -3.23 14.89
N LEU B 417 17.01 -3.38 13.75
CA LEU B 417 17.98 -4.44 13.52
C LEU B 417 19.22 -3.85 12.88
N ARG B 418 20.38 -4.37 13.25
CA ARG B 418 21.64 -3.85 12.72
C ARG B 418 21.97 -4.53 11.39
N VAL B 419 22.37 -3.73 10.39
CA VAL B 419 22.82 -4.28 9.13
C VAL B 419 24.18 -4.93 9.32
N GLU B 420 24.38 -6.09 8.70
CA GLU B 420 25.70 -6.70 8.57
C GLU B 420 26.05 -6.62 7.08
N SER B 421 27.01 -5.75 6.73
N SER B 421 27.00 -5.74 6.73
CA SER B 421 27.22 -5.37 5.34
CA SER B 421 27.17 -5.38 5.32
C SER B 421 27.59 -6.57 4.47
C SER B 421 27.61 -6.57 4.46
N ASP B 422 28.40 -7.49 5.01
CA ASP B 422 28.81 -8.65 4.23
C ASP B 422 27.64 -9.62 4.02
N ILE B 423 26.84 -9.88 5.05
CA ILE B 423 25.69 -10.76 4.85
C ILE B 423 24.68 -10.10 3.91
N LYS B 424 24.48 -8.79 4.06
N LYS B 424 24.47 -8.79 4.06
CA LYS B 424 23.62 -8.06 3.14
CA LYS B 424 23.63 -8.04 3.16
C LYS B 424 24.08 -8.22 1.70
C LYS B 424 24.08 -8.22 1.71
N ARG B 425 25.38 -8.05 1.45
CA ARG B 425 25.90 -8.17 0.09
C ARG B 425 25.72 -9.58 -0.45
N PHE B 426 25.94 -10.59 0.40
CA PHE B 426 25.70 -11.96 0.01
C PHE B 426 24.28 -12.16 -0.52
N PHE B 427 23.27 -11.69 0.21
CA PHE B 427 21.91 -11.89 -0.27
C PHE B 427 21.55 -10.95 -1.40
N GLU B 428 22.17 -9.77 -1.46
CA GLU B 428 21.93 -8.89 -2.61
C GLU B 428 22.42 -9.52 -3.90
N ASN B 429 23.52 -10.26 -3.84
CA ASN B 429 24.16 -10.82 -5.02
C ASN B 429 23.74 -12.26 -5.31
N LEU B 430 22.89 -12.84 -4.47
CA LEU B 430 22.39 -14.19 -4.70
C LEU B 430 21.81 -14.32 -6.10
N ASN B 431 22.24 -15.35 -6.81
CA ASN B 431 21.83 -15.54 -8.21
C ASN B 431 21.71 -17.03 -8.51
N PRO B 432 20.69 -17.70 -7.95
CA PRO B 432 20.58 -19.16 -8.11
C PRO B 432 20.53 -19.62 -9.55
N MET B 433 19.91 -18.85 -10.44
CA MET B 433 19.78 -19.32 -11.82
C MET B 433 21.06 -19.14 -12.63
N GLY B 434 22.03 -18.38 -12.13
CA GLY B 434 23.24 -18.17 -12.91
C GLY B 434 22.91 -17.54 -14.26
N ASN B 435 23.48 -18.08 -15.33
CA ASN B 435 23.19 -17.62 -16.68
C ASN B 435 22.04 -18.36 -17.32
N SER B 436 21.38 -19.25 -16.61
CA SER B 436 20.32 -20.07 -17.21
C SER B 436 19.02 -19.29 -17.31
N MET B 437 18.26 -19.57 -18.37
CA MET B 437 16.92 -19.03 -18.45
C MET B 437 15.99 -19.75 -17.47
N GLU B 438 14.84 -19.12 -17.20
CA GLU B 438 13.95 -19.63 -16.15
C GLU B 438 13.48 -21.04 -16.44
N LYS B 439 13.05 -21.31 -17.68
CA LYS B 439 12.48 -22.61 -17.97
C LYS B 439 13.52 -23.71 -17.82
N GLU B 440 14.71 -23.48 -18.38
CA GLU B 440 15.82 -24.43 -18.26
C GLU B 440 16.22 -24.64 -16.81
N PHE B 441 16.22 -23.57 -16.01
CA PHE B 441 16.58 -23.72 -14.60
C PHE B 441 15.50 -24.46 -13.81
N THR B 442 14.22 -24.15 -14.01
CA THR B 442 13.22 -24.87 -13.23
C THR B 442 13.05 -26.32 -13.70
N ASP B 443 13.29 -26.60 -14.99
CA ASP B 443 13.36 -27.99 -15.43
C ASP B 443 14.52 -28.70 -14.74
N TYR B 444 15.66 -28.03 -14.59
CA TYR B 444 16.80 -28.60 -13.89
C TYR B 444 16.44 -28.96 -12.45
N LEU B 445 15.78 -28.04 -11.73
CA LEU B 445 15.37 -28.33 -10.36
C LEU B 445 14.46 -29.54 -10.29
N PHE B 446 13.48 -29.63 -11.20
CA PHE B 446 12.59 -30.77 -11.17
C PHE B 446 13.31 -32.07 -11.51
N ASN B 447 14.22 -32.04 -12.48
CA ASN B 447 15.01 -33.24 -12.78
C ASN B 447 15.92 -33.63 -11.61
N LYS B 448 16.44 -32.64 -10.88
CA LYS B 448 17.22 -32.95 -9.68
C LYS B 448 16.34 -33.62 -8.64
N SER B 449 15.12 -33.12 -8.43
CA SER B 449 14.17 -33.77 -7.55
C SER B 449 13.95 -35.24 -7.94
N LEU B 450 13.74 -35.49 -9.23
CA LEU B 450 13.54 -36.86 -9.70
C LEU B 450 14.77 -37.72 -9.46
N GLU B 451 15.96 -37.14 -9.57
CA GLU B 451 17.20 -37.88 -9.34
C GLU B 451 17.34 -38.31 -7.88
N ILE B 452 17.11 -37.38 -6.95
CA ILE B 452 17.39 -37.67 -5.54
C ILE B 452 16.28 -38.50 -4.89
N GLU B 453 15.05 -38.40 -5.38
CA GLU B 453 13.93 -39.22 -4.89
C GLU B 453 13.12 -39.64 -6.09
N PRO B 454 13.51 -40.72 -6.76
CA PRO B 454 12.83 -41.13 -8.00
C PRO B 454 11.38 -41.54 -7.76
N ARG B 455 10.60 -41.45 -8.84
N ARG B 455 10.60 -41.44 -8.83
CA ARG B 455 9.20 -41.88 -8.80
CA ARG B 455 9.20 -41.86 -8.79
C ARG B 455 9.10 -43.35 -8.47
C ARG B 455 9.07 -43.35 -8.51
N ASN B 456 8.11 -43.71 -7.66
CA ASN B 456 7.80 -45.12 -7.43
C ASN B 456 7.43 -45.75 -8.77
N PRO B 457 7.83 -47.01 -9.01
CA PRO B 457 8.49 -47.93 -8.08
C PRO B 457 10.02 -47.95 -8.16
N LYS B 458 10.64 -46.93 -8.75
CA LYS B 458 12.10 -46.91 -8.79
C LYS B 458 12.64 -46.87 -7.37
N PRO B 459 13.70 -47.61 -7.08
CA PRO B 459 14.26 -47.62 -5.72
C PRO B 459 14.91 -46.30 -5.36
N LEU B 460 14.97 -46.04 -4.07
CA LEU B 460 15.59 -44.82 -3.56
C LEU B 460 17.10 -45.01 -3.52
N PRO B 461 17.87 -44.25 -4.28
CA PRO B 461 19.33 -44.38 -4.22
C PRO B 461 19.86 -43.74 -2.96
N ARG B 462 21.14 -44.00 -2.72
CA ARG B 462 21.92 -43.35 -1.68
C ARG B 462 22.90 -42.39 -2.33
N PHE B 463 23.23 -41.31 -1.63
CA PHE B 463 24.15 -40.32 -2.14
C PHE B 463 25.17 -39.93 -1.09
N PRO B 464 26.39 -39.56 -1.48
CA PRO B 464 27.39 -39.17 -0.49
C PRO B 464 27.11 -37.78 0.07
N LYS B 465 27.63 -37.55 1.27
CA LYS B 465 27.52 -36.25 1.92
C LYS B 465 28.34 -35.21 1.14
N LYS B 466 27.88 -33.97 1.17
CA LYS B 466 28.61 -32.88 0.52
C LYS B 466 29.13 -31.82 1.49
N TYR B 467 28.64 -31.79 2.73
CA TYR B 467 29.02 -30.77 3.68
C TYR B 467 30.04 -31.35 4.64
N SER B 468 31.16 -30.65 4.83
CA SER B 468 32.19 -31.12 5.74
C SER B 468 32.07 -30.56 7.14
N TYR B 469 31.14 -29.64 7.39
CA TYR B 469 30.97 -28.98 8.67
C TYR B 469 29.74 -29.53 9.40
N PRO B 470 29.60 -29.27 10.70
CA PRO B 470 28.46 -29.81 11.45
C PRO B 470 27.13 -29.33 10.88
N LEU B 471 26.16 -30.25 10.82
CA LEU B 471 24.82 -29.94 10.35
C LEU B 471 23.90 -29.47 11.46
N LYS B 472 24.29 -29.60 12.72
CA LYS B 472 23.41 -29.24 13.82
C LYS B 472 23.10 -27.75 13.82
N SER B 473 21.84 -27.40 13.88
CA SER B 473 21.46 -26.00 13.92
C SER B 473 21.80 -25.39 15.28
N PRO B 474 22.22 -24.13 15.33
CA PRO B 474 22.33 -23.44 16.62
C PRO B 474 20.99 -23.00 17.18
N GLY B 475 19.90 -23.22 16.44
CA GLY B 475 18.56 -22.86 16.89
C GLY B 475 18.24 -21.40 16.62
N VAL B 476 16.99 -21.01 16.91
CA VAL B 476 16.56 -19.67 16.55
C VAL B 476 16.18 -18.84 17.79
N ARG B 477 16.63 -19.24 18.95
CA ARG B 477 16.46 -18.32 20.07
C ARG B 477 17.73 -17.50 20.25
N PRO B 478 17.63 -16.17 20.37
CA PRO B 478 18.82 -15.33 20.38
C PRO B 478 19.63 -15.45 21.66
N SER B 479 20.91 -15.12 21.55
CA SER B 479 21.86 -15.12 22.66
C SER B 479 22.20 -13.69 23.02
N ASN B 480 22.70 -13.48 24.23
CA ASN B 480 23.02 -12.14 24.68
C ASN B 480 24.12 -12.17 25.72
N PRO B 481 25.38 -12.02 25.29
CA PRO B 481 26.46 -11.78 26.24
C PRO B 481 26.36 -10.37 26.78
N ARG B 482 27.15 -10.09 27.82
CA ARG B 482 27.15 -8.76 28.38
C ARG B 482 27.79 -7.82 27.35
N GLY C 1 -23.70 -30.37 1.10
CA GLY C 1 -24.62 -29.83 0.11
C GLY C 1 -24.04 -29.76 -1.29
N MET C 2 -23.91 -28.54 -1.81
CA MET C 2 -23.54 -28.36 -3.19
C MET C 2 -22.03 -28.46 -3.39
N THR C 3 -21.64 -28.94 -4.55
CA THR C 3 -20.24 -29.09 -4.88
C THR C 3 -19.60 -27.73 -5.10
N GLU C 4 -18.36 -27.58 -4.64
CA GLU C 4 -17.57 -26.40 -4.89
C GLU C 4 -16.40 -26.76 -5.79
N TYR C 5 -16.21 -26.00 -6.86
CA TYR C 5 -15.13 -26.22 -7.79
C TYR C 5 -14.10 -25.11 -7.62
N LYS C 6 -12.85 -25.51 -7.43
CA LYS C 6 -11.75 -24.57 -7.27
C LYS C 6 -11.07 -24.41 -8.63
N LEU C 7 -11.33 -23.28 -9.27
CA LEU C 7 -10.86 -22.98 -10.61
C LEU C 7 -9.72 -21.98 -10.52
N VAL C 8 -8.71 -22.13 -11.39
CA VAL C 8 -7.56 -21.24 -11.39
C VAL C 8 -7.37 -20.68 -12.79
N VAL C 9 -7.25 -19.35 -12.89
CA VAL C 9 -6.97 -18.66 -14.15
C VAL C 9 -5.47 -18.44 -14.24
N VAL C 10 -4.87 -18.82 -15.37
CA VAL C 10 -3.45 -18.61 -15.61
C VAL C 10 -3.27 -18.00 -16.99
N GLY C 11 -2.18 -17.28 -17.18
CA GLY C 11 -1.91 -16.66 -18.47
C GLY C 11 -1.05 -15.43 -18.32
N ALA C 12 -0.56 -14.97 -19.46
CA ALA C 12 0.35 -13.83 -19.48
C ALA C 12 -0.31 -12.57 -18.91
N GLY C 13 0.51 -11.73 -18.27
CA GLY C 13 0.02 -10.47 -17.76
C GLY C 13 -0.06 -9.39 -18.83
N GLY C 14 -0.64 -8.25 -18.43
CA GLY C 14 -0.66 -7.06 -19.24
C GLY C 14 -1.59 -7.09 -20.43
N VAL C 15 -2.43 -8.11 -20.56
CA VAL C 15 -3.25 -8.22 -21.77
C VAL C 15 -4.69 -8.54 -21.44
N GLY C 16 -5.19 -8.02 -20.32
CA GLY C 16 -6.62 -8.07 -20.02
C GLY C 16 -7.16 -9.39 -19.49
N LYS C 17 -6.30 -10.30 -19.05
CA LYS C 17 -6.73 -11.58 -18.50
C LYS C 17 -7.79 -11.43 -17.40
N SER C 18 -7.64 -10.42 -16.53
CA SER C 18 -8.54 -10.27 -15.39
C SER C 18 -10.00 -9.99 -15.79
N ALA C 19 -10.24 -9.52 -17.01
CA ALA C 19 -11.60 -9.21 -17.42
C ALA C 19 -12.48 -10.46 -17.41
N LEU C 20 -11.89 -11.64 -17.60
CA LEU C 20 -12.67 -12.87 -17.66
C LEU C 20 -13.44 -13.10 -16.36
N THR C 21 -12.74 -13.13 -15.23
CA THR C 21 -13.40 -13.41 -13.97
C THR C 21 -14.22 -12.23 -13.48
N ILE C 22 -13.70 -11.01 -13.66
CA ILE C 22 -14.47 -9.81 -13.31
C ILE C 22 -15.83 -9.84 -13.98
N GLN C 23 -15.86 -10.12 -15.29
CA GLN C 23 -17.13 -10.07 -16.01
C GLN C 23 -18.06 -11.18 -15.54
N LEU C 24 -17.51 -12.35 -15.22
CA LEU C 24 -18.33 -13.44 -14.71
C LEU C 24 -18.94 -13.08 -13.38
N ILE C 25 -18.08 -12.82 -12.39
CA ILE C 25 -18.48 -12.62 -11.00
C ILE C 25 -19.24 -11.33 -10.84
N GLN C 26 -19.03 -10.40 -11.76
CA GLN C 26 -19.60 -9.07 -11.65
C GLN C 26 -21.08 -9.15 -11.37
N ASN C 27 -21.59 -8.13 -10.70
CA ASN C 27 -22.93 -7.68 -11.03
C ASN C 27 -22.91 -7.65 -12.55
N HIS C 28 -23.33 -8.73 -13.20
CA HIS C 28 -23.23 -8.88 -14.65
C HIS C 28 -23.71 -7.60 -15.31
N PHE C 29 -24.70 -6.95 -14.72
CA PHE C 29 -25.39 -5.82 -15.32
C PHE C 29 -25.05 -4.44 -14.73
N VAL C 30 -24.16 -4.33 -13.77
CA VAL C 30 -23.62 -3.01 -13.44
C VAL C 30 -22.11 -3.11 -13.47
N ASP C 31 -21.48 -2.27 -14.28
CA ASP C 31 -20.05 -2.37 -14.52
C ASP C 31 -19.34 -1.69 -13.36
N GLU C 32 -19.03 -2.49 -12.34
CA GLU C 32 -18.47 -2.03 -11.08
C GLU C 32 -17.83 -3.25 -10.40
N TYR C 33 -16.87 -2.99 -9.50
CA TYR C 33 -16.13 -4.07 -8.86
C TYR C 33 -15.30 -3.60 -7.66
N ASP C 34 -15.41 -4.31 -6.54
CA ASP C 34 -14.45 -4.18 -5.45
C ASP C 34 -13.83 -5.55 -5.21
N PRO C 35 -12.60 -5.78 -5.67
CA PRO C 35 -11.99 -7.10 -5.50
C PRO C 35 -11.61 -7.40 -4.07
N THR C 36 -11.51 -6.39 -3.21
CA THR C 36 -11.15 -6.63 -1.82
C THR C 36 -12.29 -7.25 -1.04
N ILE C 37 -13.49 -7.27 -1.61
CA ILE C 37 -14.67 -7.71 -0.90
C ILE C 37 -14.62 -9.23 -0.82
N GLU C 38 -14.47 -9.73 0.40
CA GLU C 38 -14.61 -11.15 0.72
C GLU C 38 -15.64 -11.79 -0.19
N ASP C 39 -15.21 -12.78 -0.95
CA ASP C 39 -16.07 -13.52 -1.86
C ASP C 39 -16.55 -12.63 -3.02
N SER C 40 -15.62 -11.84 -3.57
N SER C 40 -15.63 -11.84 -3.58
CA SER C 40 -15.72 -11.28 -4.91
CA SER C 40 -15.79 -11.30 -4.92
C SER C 40 -15.22 -12.26 -5.97
C SER C 40 -15.22 -12.24 -5.97
N TYR C 41 -14.98 -13.50 -5.57
CA TYR C 41 -14.44 -14.53 -6.44
C TYR C 41 -15.18 -15.83 -6.20
N ARG C 42 -16.33 -15.78 -5.53
CA ARG C 42 -17.19 -16.92 -5.30
C ARG C 42 -18.54 -16.65 -5.93
N LYS C 43 -19.08 -17.65 -6.63
CA LYS C 43 -20.32 -17.47 -7.37
C LYS C 43 -21.07 -18.78 -7.43
N GLN C 44 -22.34 -18.74 -7.03
CA GLN C 44 -23.24 -19.87 -7.13
C GLN C 44 -23.92 -19.85 -8.50
N VAL C 45 -23.83 -20.96 -9.23
CA VAL C 45 -24.32 -21.05 -10.59
C VAL C 45 -25.03 -22.39 -10.77
N VAL C 46 -25.84 -22.46 -11.83
CA VAL C 46 -26.54 -23.67 -12.23
C VAL C 46 -26.01 -24.09 -13.59
N ILE C 47 -25.36 -25.25 -13.65
CA ILE C 47 -24.76 -25.76 -14.87
C ILE C 47 -25.41 -27.09 -15.18
N ASP C 48 -26.07 -27.17 -16.33
CA ASP C 48 -26.80 -28.37 -16.73
C ASP C 48 -27.76 -28.82 -15.63
N GLY C 49 -28.45 -27.86 -15.03
CA GLY C 49 -29.44 -28.15 -14.01
C GLY C 49 -28.90 -28.50 -12.65
N GLU C 50 -27.59 -28.45 -12.44
CA GLU C 50 -26.98 -28.82 -11.16
C GLU C 50 -26.33 -27.59 -10.55
N THR C 51 -26.79 -27.23 -9.34
CA THR C 51 -26.27 -26.05 -8.68
C THR C 51 -24.91 -26.34 -8.07
N CYS C 52 -24.00 -25.39 -8.21
CA CYS C 52 -22.67 -25.56 -7.62
C CYS C 52 -22.10 -24.19 -7.29
N LEU C 53 -20.98 -24.21 -6.59
CA LEU C 53 -20.28 -23.01 -6.18
C LEU C 53 -18.94 -22.96 -6.89
N LEU C 54 -18.67 -21.86 -7.57
CA LEU C 54 -17.37 -21.64 -8.21
C LEU C 54 -16.51 -20.77 -7.29
N ASP C 55 -15.31 -21.25 -7.00
CA ASP C 55 -14.31 -20.46 -6.29
C ASP C 55 -13.18 -20.22 -7.27
N ILE C 56 -12.98 -18.98 -7.69
CA ILE C 56 -12.08 -18.67 -8.79
C ILE C 56 -10.86 -17.95 -8.24
N LEU C 57 -9.68 -18.50 -8.50
CA LEU C 57 -8.43 -17.85 -8.16
C LEU C 57 -7.86 -17.21 -9.41
N ASP C 58 -7.75 -15.88 -9.39
CA ASP C 58 -7.13 -15.15 -10.49
C ASP C 58 -6.13 -14.18 -9.84
N THR C 59 -4.85 -14.50 -9.97
CA THR C 59 -3.80 -13.68 -9.38
C THR C 59 -3.27 -12.64 -10.36
N ALA C 60 -4.07 -12.25 -11.34
CA ALA C 60 -3.69 -11.23 -12.30
C ALA C 60 -2.95 -10.09 -11.60
N GLY C 61 -1.83 -9.68 -12.20
CA GLY C 61 -0.98 -8.67 -11.62
C GLY C 61 0.25 -9.22 -10.90
N GLN C 62 0.22 -10.51 -10.53
CA GLN C 62 1.31 -11.14 -9.80
C GLN C 62 2.22 -11.98 -10.71
N GLU C 63 2.17 -11.75 -12.02
CA GLU C 63 2.87 -12.63 -12.94
C GLU C 63 4.37 -12.64 -12.72
N GLU C 64 4.93 -11.54 -12.21
CA GLU C 64 6.37 -11.50 -11.98
C GLU C 64 6.80 -12.38 -10.81
N TYR C 65 5.87 -12.75 -9.93
CA TYR C 65 6.12 -13.72 -8.85
C TYR C 65 6.13 -15.14 -9.44
N SER C 66 7.07 -15.38 -10.35
CA SER C 66 7.02 -16.62 -11.12
C SER C 66 7.31 -17.87 -10.27
N ALA C 67 8.00 -17.73 -9.14
CA ALA C 67 8.23 -18.90 -8.30
C ALA C 67 7.03 -19.25 -7.43
N MET C 68 5.96 -18.44 -7.48
CA MET C 68 4.72 -18.72 -6.76
C MET C 68 3.70 -19.47 -7.59
N ARG C 69 3.97 -19.70 -8.87
CA ARG C 69 2.97 -20.33 -9.72
C ARG C 69 2.55 -21.69 -9.17
N ASP C 70 3.51 -22.51 -8.76
CA ASP C 70 3.15 -23.81 -8.20
C ASP C 70 2.25 -23.65 -6.98
N GLN C 71 2.64 -22.78 -6.05
CA GLN C 71 1.84 -22.51 -4.85
C GLN C 71 0.41 -22.17 -5.20
N TYR C 72 0.21 -21.30 -6.19
CA TYR C 72 -1.14 -20.90 -6.59
C TYR C 72 -1.84 -22.03 -7.35
N MET C 73 -1.14 -22.64 -8.30
CA MET C 73 -1.77 -23.66 -9.16
C MET C 73 -2.22 -24.88 -8.36
N ARG C 74 -1.47 -25.23 -7.31
CA ARG C 74 -1.76 -26.42 -6.54
C ARG C 74 -3.16 -26.37 -5.93
N THR C 75 -3.72 -25.17 -5.72
CA THR C 75 -5.05 -25.06 -5.15
C THR C 75 -6.16 -25.52 -6.09
N GLY C 76 -5.89 -25.66 -7.39
CA GLY C 76 -6.96 -25.77 -8.37
C GLY C 76 -7.31 -27.18 -8.80
N GLU C 77 -8.60 -27.39 -9.10
CA GLU C 77 -9.07 -28.62 -9.73
C GLU C 77 -9.16 -28.49 -11.25
N GLY C 78 -9.42 -27.28 -11.75
CA GLY C 78 -9.47 -27.04 -13.18
C GLY C 78 -8.90 -25.68 -13.48
N PHE C 79 -8.43 -25.52 -14.71
CA PHE C 79 -7.61 -24.38 -15.10
C PHE C 79 -8.14 -23.75 -16.38
N LEU C 80 -8.23 -22.42 -16.37
CA LEU C 80 -8.43 -21.65 -17.59
C LEU C 80 -7.08 -21.09 -18.01
N CYS C 81 -6.58 -21.51 -19.17
CA CYS C 81 -5.33 -21.01 -19.72
C CYS C 81 -5.64 -19.93 -20.74
N VAL C 82 -5.33 -18.68 -20.40
CA VAL C 82 -5.82 -17.50 -21.13
C VAL C 82 -4.67 -16.86 -21.89
N PHE C 83 -4.90 -16.55 -23.16
CA PHE C 83 -4.02 -15.70 -23.94
C PHE C 83 -4.87 -14.63 -24.60
N ALA C 84 -4.22 -13.56 -25.05
CA ALA C 84 -4.91 -12.48 -25.75
C ALA C 84 -4.75 -12.71 -27.25
N ILE C 85 -5.85 -12.57 -27.99
CA ILE C 85 -5.83 -12.86 -29.42
C ILE C 85 -5.04 -11.83 -30.21
N ASN C 86 -4.66 -10.70 -29.60
CA ASN C 86 -3.77 -9.76 -30.26
C ASN C 86 -2.36 -9.77 -29.68
N ASN C 87 -1.97 -10.85 -28.99
CA ASN C 87 -0.62 -10.93 -28.42
C ASN C 87 -0.08 -12.34 -28.63
N THR C 88 0.71 -12.51 -29.69
N THR C 88 0.71 -12.52 -29.70
CA THR C 88 1.21 -13.83 -30.05
CA THR C 88 1.20 -13.85 -30.05
C THR C 88 2.08 -14.42 -28.95
C THR C 88 2.09 -14.43 -28.97
N LYS C 89 2.88 -13.60 -28.28
CA LYS C 89 3.71 -14.11 -27.21
C LYS C 89 2.85 -14.80 -26.13
N SER C 90 1.73 -14.17 -25.75
CA SER C 90 0.87 -14.79 -24.74
C SER C 90 0.32 -16.13 -25.22
N PHE C 91 0.10 -16.27 -26.52
CA PHE C 91 -0.35 -17.54 -27.08
C PHE C 91 0.76 -18.56 -27.03
N GLU C 92 1.99 -18.14 -27.34
CA GLU C 92 3.14 -19.04 -27.30
C GLU C 92 3.48 -19.47 -25.88
N ASP C 93 3.15 -18.64 -24.88
CA ASP C 93 3.34 -19.01 -23.47
C ASP C 93 2.48 -20.19 -23.03
N ILE C 94 1.42 -20.51 -23.78
CA ILE C 94 0.43 -21.47 -23.27
C ILE C 94 1.05 -22.84 -23.03
N HIS C 95 1.92 -23.28 -23.94
CA HIS C 95 2.52 -24.61 -23.78
C HIS C 95 3.18 -24.78 -22.42
N GLN C 96 3.95 -23.78 -21.98
CA GLN C 96 4.66 -23.91 -20.70
C GLN C 96 3.71 -23.84 -19.51
N TYR C 97 2.66 -23.01 -19.59
CA TYR C 97 1.63 -23.02 -18.56
C TYR C 97 1.04 -24.42 -18.41
N ARG C 98 0.69 -25.03 -19.54
CA ARG C 98 0.10 -26.36 -19.49
C ARG C 98 1.08 -27.37 -18.88
N GLU C 99 2.35 -27.30 -19.29
CA GLU C 99 3.35 -28.22 -18.75
C GLU C 99 3.50 -28.03 -17.25
N GLN C 100 3.44 -26.80 -16.79
CA GLN C 100 3.60 -26.51 -15.39
C GLN C 100 2.41 -27.01 -14.59
N ILE C 101 1.21 -26.90 -15.14
CA ILE C 101 0.01 -27.44 -14.49
C ILE C 101 0.09 -28.96 -14.37
N LYS C 102 0.44 -29.63 -15.49
CA LYS C 102 0.58 -31.08 -15.45
C LYS C 102 1.57 -31.50 -14.37
N ARG C 103 2.65 -30.74 -14.21
CA ARG C 103 3.66 -31.08 -13.22
C ARG C 103 3.14 -30.90 -11.80
N VAL C 104 2.51 -29.76 -11.50
N VAL C 104 2.51 -29.75 -11.50
CA VAL C 104 2.04 -29.54 -10.12
CA VAL C 104 2.00 -29.48 -10.17
C VAL C 104 0.93 -30.51 -9.75
C VAL C 104 0.95 -30.52 -9.77
N LYS C 105 0.08 -30.89 -10.71
CA LYS C 105 -0.99 -31.82 -10.42
C LYS C 105 -0.54 -33.27 -10.58
N ASP C 106 0.68 -33.50 -11.05
CA ASP C 106 1.23 -34.83 -11.28
C ASP C 106 0.25 -35.69 -12.08
N SER C 107 -0.17 -35.16 -13.22
CA SER C 107 -1.15 -35.83 -14.05
C SER C 107 -1.03 -35.32 -15.47
N ASP C 108 -1.21 -36.21 -16.45
CA ASP C 108 -1.23 -35.80 -17.84
C ASP C 108 -2.61 -35.40 -18.32
N ASP C 109 -3.61 -35.52 -17.46
CA ASP C 109 -5.00 -35.32 -17.84
C ASP C 109 -5.67 -34.43 -16.78
N VAL C 110 -5.32 -33.15 -16.78
CA VAL C 110 -5.86 -32.17 -15.84
C VAL C 110 -7.00 -31.42 -16.54
N PRO C 111 -8.15 -31.24 -15.91
CA PRO C 111 -9.24 -30.48 -16.55
C PRO C 111 -8.81 -29.06 -16.84
N MET C 112 -8.87 -28.67 -18.11
CA MET C 112 -8.48 -27.32 -18.45
C MET C 112 -9.12 -26.91 -19.77
N VAL C 113 -9.22 -25.61 -19.97
CA VAL C 113 -9.76 -25.07 -21.20
C VAL C 113 -8.80 -24.00 -21.69
N LEU C 114 -8.69 -23.88 -23.00
CA LEU C 114 -7.93 -22.81 -23.62
C LEU C 114 -8.88 -21.65 -23.91
N VAL C 115 -8.51 -20.44 -23.51
CA VAL C 115 -9.35 -19.26 -23.68
C VAL C 115 -8.59 -18.19 -24.46
N GLY C 116 -9.12 -17.81 -25.61
CA GLY C 116 -8.60 -16.69 -26.36
C GLY C 116 -9.43 -15.46 -26.06
N ASN C 117 -8.78 -14.43 -25.54
CA ASN C 117 -9.45 -13.26 -24.97
C ASN C 117 -9.22 -12.04 -25.86
N LYS C 118 -10.31 -11.37 -26.24
N LYS C 118 -10.31 -11.39 -26.26
CA LYS C 118 -10.22 -10.15 -27.05
CA LYS C 118 -10.22 -10.15 -27.05
C LYS C 118 -10.28 -8.99 -26.07
C LYS C 118 -10.28 -8.99 -26.06
N CYS C 119 -9.13 -8.39 -25.78
CA CYS C 119 -9.04 -7.37 -24.76
C CYS C 119 -9.10 -5.95 -25.31
N ASP C 120 -9.00 -5.76 -26.62
CA ASP C 120 -9.21 -4.43 -27.17
C ASP C 120 -9.50 -4.55 -28.67
N LEU C 121 -9.54 -3.41 -29.34
CA LEU C 121 -9.81 -3.33 -30.76
C LEU C 121 -8.55 -3.32 -31.61
N ALA C 122 -7.38 -3.48 -30.98
CA ALA C 122 -6.15 -3.69 -31.74
C ALA C 122 -6.28 -4.95 -32.58
N ALA C 123 -5.42 -5.04 -33.60
CA ALA C 123 -5.58 -6.06 -34.62
C ALA C 123 -5.29 -7.44 -34.05
N ARG C 124 -6.15 -8.40 -34.38
CA ARG C 124 -5.93 -9.77 -33.96
C ARG C 124 -4.68 -10.33 -34.64
N THR C 125 -3.85 -11.03 -33.87
CA THR C 125 -2.68 -11.69 -34.43
C THR C 125 -2.68 -13.19 -34.30
N VAL C 126 -3.59 -13.76 -33.51
CA VAL C 126 -3.73 -15.20 -33.39
C VAL C 126 -5.09 -15.56 -33.98
N GLU C 127 -5.11 -16.28 -35.10
CA GLU C 127 -6.37 -16.65 -35.71
C GLU C 127 -7.04 -17.78 -34.95
N SER C 128 -8.38 -17.79 -35.01
N SER C 128 -8.37 -17.82 -35.00
CA SER C 128 -9.19 -18.84 -34.40
CA SER C 128 -9.07 -18.87 -34.27
C SER C 128 -8.65 -20.23 -34.73
C SER C 128 -8.64 -20.26 -34.72
N ARG C 129 -8.30 -20.44 -36.01
CA ARG C 129 -7.86 -21.75 -36.46
C ARG C 129 -6.57 -22.17 -35.76
N GLN C 130 -5.62 -21.24 -35.57
CA GLN C 130 -4.39 -21.60 -34.86
C GLN C 130 -4.69 -22.10 -33.45
N ALA C 131 -5.56 -21.39 -32.75
CA ALA C 131 -5.87 -21.74 -31.37
C ALA C 131 -6.69 -23.03 -31.28
N GLN C 132 -7.63 -23.23 -32.22
CA GLN C 132 -8.35 -24.51 -32.28
C GLN C 132 -7.39 -25.67 -32.50
N ASP C 133 -6.45 -25.51 -33.44
CA ASP C 133 -5.48 -26.58 -33.67
C ASP C 133 -4.67 -26.86 -32.41
N LEU C 134 -4.24 -25.82 -31.69
CA LEU C 134 -3.49 -26.03 -30.46
C LEU C 134 -4.31 -26.79 -29.43
N ALA C 135 -5.53 -26.33 -29.18
CA ALA C 135 -6.44 -27.00 -28.26
C ALA C 135 -6.67 -28.45 -28.65
N ARG C 136 -6.88 -28.71 -29.93
CA ARG C 136 -7.10 -30.08 -30.37
C ARG C 136 -5.86 -30.93 -30.13
N SER C 137 -4.67 -30.37 -30.34
CA SER C 137 -3.44 -31.11 -30.08
C SER C 137 -3.32 -31.49 -28.62
N TYR C 138 -3.85 -30.68 -27.71
CA TYR C 138 -3.91 -30.95 -26.28
C TYR C 138 -5.15 -31.74 -25.86
N GLY C 139 -6.12 -31.91 -26.74
CA GLY C 139 -7.36 -32.55 -26.33
C GLY C 139 -8.20 -31.76 -25.35
N ILE C 140 -8.25 -30.44 -25.48
CA ILE C 140 -9.03 -29.60 -24.56
C ILE C 140 -9.92 -28.66 -25.37
N PRO C 141 -10.99 -28.16 -24.76
CA PRO C 141 -11.85 -27.19 -25.47
C PRO C 141 -11.16 -25.85 -25.65
N TYR C 142 -11.63 -25.11 -26.66
CA TYR C 142 -11.22 -23.74 -26.92
C TYR C 142 -12.45 -22.85 -26.88
N ILE C 143 -12.37 -21.75 -26.12
CA ILE C 143 -13.43 -20.75 -26.05
C ILE C 143 -12.81 -19.38 -26.30
N GLU C 144 -13.44 -18.57 -27.15
CA GLU C 144 -13.04 -17.17 -27.28
C GLU C 144 -14.01 -16.28 -26.52
N THR C 145 -13.46 -15.23 -25.92
CA THR C 145 -14.22 -14.35 -25.04
C THR C 145 -13.93 -12.90 -25.39
N SER C 146 -14.87 -12.02 -25.08
CA SER C 146 -14.64 -10.59 -25.19
C SER C 146 -14.46 -9.99 -23.80
N ALA C 147 -13.42 -9.18 -23.63
CA ALA C 147 -13.22 -8.49 -22.37
C ALA C 147 -14.18 -7.33 -22.16
N LYS C 148 -15.01 -7.00 -23.15
CA LYS C 148 -15.89 -5.85 -23.07
C LYS C 148 -17.38 -6.17 -23.09
N THR C 149 -17.79 -7.21 -23.80
CA THR C 149 -19.22 -7.49 -24.00
C THR C 149 -19.72 -8.68 -23.18
N ARG C 150 -18.85 -9.33 -22.42
CA ARG C 150 -19.12 -10.55 -21.66
C ARG C 150 -19.38 -11.76 -22.54
N GLN C 151 -19.31 -11.64 -23.87
CA GLN C 151 -19.49 -12.81 -24.73
C GLN C 151 -18.44 -13.88 -24.44
N GLY C 152 -18.89 -15.13 -24.40
CA GLY C 152 -18.01 -16.27 -24.16
C GLY C 152 -17.65 -16.52 -22.72
N VAL C 153 -17.90 -15.57 -21.83
CA VAL C 153 -17.39 -15.69 -20.46
C VAL C 153 -18.03 -16.87 -19.74
N GLU C 154 -19.36 -16.93 -19.74
N GLU C 154 -19.36 -16.93 -19.74
CA GLU C 154 -20.03 -18.06 -19.10
CA GLU C 154 -20.04 -18.05 -19.11
C GLU C 154 -19.64 -19.38 -19.75
C GLU C 154 -19.63 -19.38 -19.75
N ASP C 155 -19.54 -19.39 -21.08
CA ASP C 155 -19.12 -20.61 -21.79
C ASP C 155 -17.77 -21.10 -21.30
N ALA C 156 -16.81 -20.20 -21.10
CA ALA C 156 -15.48 -20.60 -20.68
C ALA C 156 -15.54 -21.31 -19.33
N PHE C 157 -16.21 -20.70 -18.34
CA PHE C 157 -16.23 -21.30 -17.01
C PHE C 157 -17.11 -22.56 -16.97
N TYR C 158 -18.28 -22.51 -17.61
CA TYR C 158 -19.14 -23.69 -17.61
C TYR C 158 -18.51 -24.86 -18.34
N THR C 159 -17.82 -24.58 -19.45
CA THR C 159 -17.12 -25.65 -20.15
C THR C 159 -16.07 -26.31 -19.25
N LEU C 160 -15.33 -25.50 -18.50
CA LEU C 160 -14.35 -26.04 -17.57
C LEU C 160 -15.02 -26.91 -16.52
N VAL C 161 -16.15 -26.45 -15.95
CA VAL C 161 -16.83 -27.27 -14.94
C VAL C 161 -17.27 -28.59 -15.55
N ARG C 162 -17.74 -28.58 -16.80
CA ARG C 162 -18.09 -29.82 -17.48
C ARG C 162 -16.87 -30.73 -17.65
N GLU C 163 -15.71 -30.14 -17.93
CA GLU C 163 -14.49 -30.95 -18.01
C GLU C 163 -14.17 -31.61 -16.68
N ILE C 164 -14.36 -30.88 -15.57
CA ILE C 164 -14.15 -31.48 -14.26
C ILE C 164 -15.15 -32.60 -14.02
N ARG C 165 -16.43 -32.35 -14.30
CA ARG C 165 -17.47 -33.34 -14.03
C ARG C 165 -17.26 -34.62 -14.84
N GLN C 166 -16.71 -34.51 -16.03
CA GLN C 166 -16.51 -35.64 -16.92
C GLN C 166 -15.11 -36.21 -16.86
N HIS C 167 -14.29 -35.78 -15.91
CA HIS C 167 -12.92 -36.25 -15.85
C HIS C 167 -12.87 -37.75 -15.56
#